data_3IMH
#
_entry.id   3IMH
#
_cell.length_a   134.683
_cell.length_b   134.683
_cell.length_c   103.027
_cell.angle_alpha   90.00
_cell.angle_beta   90.00
_cell.angle_gamma   90.00
#
_symmetry.space_group_name_H-M   'P 4 21 2'
#
loop_
_entity.id
_entity.type
_entity.pdbx_description
1 polymer Galactose-1-epimerase
2 non-polymer 'MAGNESIUM ION'
3 non-polymer 'CHLORIDE ION'
4 non-polymer GLYCEROL
5 water water
#
_entity_poly.entity_id   1
_entity_poly.type   'polypeptide(L)'
_entity_poly.pdbx_seq_one_letter_code
;MSLKTNFVKYERKDNKDLCEITLENDAGMAVKVLNYGATLEKVLLDGENMILSLNSPEDYSKERNFLGGTVGRIAGRVRA
GQWKHGNEIHQLPLNDGDNHIHGGIGTDMHVWDFRPSCDSEHARVDLTLFDPDGNNDYPGNLKLHARYELDNENNLHYLL
EAVSDKLTIFNPVNHTYFNLGERAEDLNLQMNADYYLPVDEAGLPDRGMAEVAGTAFDFRKTKRIGDALNSDDSQIKLRN
GLDHPFILNGNNPAALLSSNKHRLIVKTNAPALVLYAGNHFNHTGIVNNIGQYDGITFEAQCPPAEGNDLGQITLLPFEK
FKRTVDWKFEEGHHHHHH
;
_entity_poly.pdbx_strand_id   A,B
#
# COMPACT_ATOMS: atom_id res chain seq x y z
N SER A 2 27.84 13.30 12.44
CA SER A 2 27.48 14.62 13.05
C SER A 2 25.99 14.85 12.94
N LEU A 3 25.44 15.64 13.86
CA LEU A 3 24.10 16.18 13.68
C LEU A 3 24.20 17.14 12.50
N LYS A 4 23.26 16.98 11.56
CA LYS A 4 23.33 17.73 10.30
C LYS A 4 21.94 17.92 9.72
N THR A 5 21.84 18.89 8.83
CA THR A 5 20.56 19.22 8.18
C THR A 5 20.85 19.44 6.72
N ASN A 6 19.82 19.29 5.90
CA ASN A 6 19.88 19.76 4.52
C ASN A 6 18.46 19.77 4.02
N PHE A 7 18.27 20.33 2.82
CA PHE A 7 16.96 20.28 2.19
C PHE A 7 17.09 20.25 0.69
N VAL A 8 16.00 19.81 0.05
CA VAL A 8 15.90 19.83 -1.40
CA VAL A 8 15.89 19.77 -1.40
C VAL A 8 14.57 20.43 -1.82
N LYS A 9 14.63 21.25 -2.86
CA LYS A 9 13.42 21.84 -3.41
C LYS A 9 12.85 20.82 -4.40
N TYR A 10 11.54 20.61 -4.35
CA TYR A 10 10.90 19.64 -5.26
C TYR A 10 9.74 20.21 -6.07
N GLU A 11 9.22 21.38 -5.67
CA GLU A 11 8.04 21.96 -6.35
C GLU A 11 7.85 23.43 -6.02
N ARG A 12 6.87 24.04 -6.69
CA ARG A 12 6.40 25.40 -6.40
C ARG A 12 4.91 25.38 -6.06
N LYS A 13 4.51 26.20 -5.09
CA LYS A 13 3.10 26.40 -4.73
CA LYS A 13 3.10 26.41 -4.75
C LYS A 13 2.92 27.78 -4.08
N ASP A 14 1.84 28.47 -4.44
CA ASP A 14 1.54 29.81 -3.90
C ASP A 14 2.70 30.80 -4.07
N ASN A 15 3.36 30.74 -5.24
CA ASN A 15 4.58 31.52 -5.56
C ASN A 15 5.74 31.32 -4.57
N LYS A 16 5.80 30.13 -3.98
CA LYS A 16 6.84 29.79 -3.01
C LYS A 16 7.40 28.42 -3.33
N ASP A 17 8.61 28.16 -2.84
CA ASP A 17 9.22 26.84 -3.05
C ASP A 17 8.75 25.84 -2.02
N LEU A 18 8.45 24.63 -2.48
CA LEU A 18 8.18 23.49 -1.60
C LEU A 18 9.45 22.69 -1.46
N CYS A 19 9.88 22.52 -0.21
CA CYS A 19 11.12 21.80 0.09
C CYS A 19 10.89 20.65 1.05
N GLU A 20 11.79 19.68 0.98
CA GLU A 20 11.82 18.56 1.91
C GLU A 20 13.12 18.70 2.70
N ILE A 21 13.00 18.86 4.01
CA ILE A 21 14.13 19.13 4.89
C ILE A 21 14.47 17.83 5.63
N THR A 22 15.76 17.47 5.68
CA THR A 22 16.18 16.26 6.38
C THR A 22 17.02 16.64 7.60
N LEU A 23 16.65 16.12 8.76
CA LEU A 23 17.45 16.23 9.99
C LEU A 23 18.05 14.88 10.26
N GLU A 24 19.35 14.83 10.54
CA GLU A 24 20.01 13.53 10.86
C GLU A 24 20.85 13.62 12.12
N ASN A 25 20.95 12.51 12.83
CA ASN A 25 21.76 12.47 14.03
C ASN A 25 22.83 11.38 13.90
N ASP A 26 23.51 11.09 15.01
CA ASP A 26 24.51 10.03 15.05
C ASP A 26 24.01 8.73 15.65
N ALA A 27 22.69 8.58 15.75
CA ALA A 27 22.09 7.43 16.43
C ALA A 27 21.11 6.67 15.55
N GLY A 28 21.24 6.87 14.24
CA GLY A 28 20.47 6.09 13.27
C GLY A 28 19.15 6.73 12.83
N MET A 29 18.88 7.96 13.27
CA MET A 29 17.61 8.62 12.92
C MET A 29 17.75 9.67 11.81
N ALA A 30 16.81 9.66 10.87
CA ALA A 30 16.66 10.71 9.87
C ALA A 30 15.18 11.12 9.86
N VAL A 31 14.94 12.42 9.97
CA VAL A 31 13.60 12.97 10.02
C VAL A 31 13.40 13.84 8.79
N LYS A 32 12.27 13.64 8.10
CA LYS A 32 11.95 14.44 6.91
C LYS A 32 10.75 15.31 7.18
N VAL A 33 10.90 16.61 6.90
CA VAL A 33 9.88 17.63 7.16
C VAL A 33 9.60 18.38 5.86
N LEU A 34 8.33 18.69 5.61
CA LEU A 34 7.94 19.57 4.48
C LEU A 34 7.61 20.96 4.99
N ASN A 35 8.11 22.01 4.34
CA ASN A 35 7.60 23.34 4.72
C ASN A 35 6.13 23.56 4.33
N TYR A 36 5.65 22.80 3.36
CA TYR A 36 4.21 22.74 3.10
C TYR A 36 3.51 22.18 4.36
N GLY A 37 2.69 23.03 4.99
CA GLY A 37 1.95 22.70 6.22
C GLY A 37 2.79 22.40 7.47
N ALA A 38 4.09 22.73 7.45
CA ALA A 38 5.04 22.37 8.53
C ALA A 38 4.79 20.92 8.93
N THR A 39 4.95 20.06 7.94
CA THR A 39 4.45 18.69 7.99
C THR A 39 5.58 17.71 8.30
N LEU A 40 5.35 16.83 9.27
CA LEU A 40 6.27 15.72 9.53
C LEU A 40 6.04 14.61 8.51
N GLU A 41 6.99 14.42 7.60
CA GLU A 41 6.78 13.50 6.48
C GLU A 41 7.20 12.07 6.79
N LYS A 42 8.43 11.91 7.29
CA LYS A 42 8.96 10.58 7.66
C LYS A 42 9.81 10.66 8.93
N VAL A 43 9.87 9.54 9.66
CA VAL A 43 10.78 9.38 10.79
C VAL A 43 11.47 8.02 10.59
N LEU A 44 12.71 8.06 10.11
CA LEU A 44 13.43 6.84 9.73
C LEU A 44 14.38 6.45 10.85
N LEU A 45 14.19 5.25 11.38
CA LEU A 45 15.10 4.71 12.38
C LEU A 45 15.78 3.50 11.77
N ASP A 46 17.10 3.61 11.57
CA ASP A 46 17.86 2.64 10.78
C ASP A 46 17.15 2.24 9.48
N GLY A 47 16.71 3.24 8.73
CA GLY A 47 16.04 3.03 7.44
C GLY A 47 14.56 2.67 7.48
N GLU A 48 14.04 2.36 8.67
CA GLU A 48 12.65 1.95 8.84
CA GLU A 48 12.65 1.95 8.84
C GLU A 48 11.77 3.15 9.25
N ASN A 49 10.70 3.38 8.51
CA ASN A 49 9.81 4.52 8.77
C ASN A 49 8.87 4.22 9.93
N MET A 50 8.83 5.11 10.92
CA MET A 50 8.03 4.92 12.14
C MET A 50 6.64 5.56 12.06
N ILE A 51 6.39 6.30 10.98
CA ILE A 51 5.12 7.01 10.83
C ILE A 51 4.50 6.73 9.46
N LEU A 52 3.20 7.04 9.31
CA LEU A 52 2.57 6.99 8.00
C LEU A 52 3.10 8.11 7.11
N SER A 53 3.31 7.80 5.84
CA SER A 53 3.76 8.81 4.86
C SER A 53 3.03 8.58 3.55
N LEU A 54 2.84 9.64 2.77
CA LEU A 54 2.32 9.49 1.39
C LEU A 54 3.38 8.94 0.44
N ASN A 55 2.97 8.61 -0.79
CA ASN A 55 3.88 8.01 -1.79
C ASN A 55 5.09 8.88 -2.09
N SER A 56 4.86 10.19 -2.12
CA SER A 56 5.88 11.17 -2.47
C SER A 56 5.59 12.49 -1.74
N PRO A 57 6.63 13.33 -1.53
CA PRO A 57 6.34 14.65 -0.96
C PRO A 57 5.31 15.45 -1.76
N GLU A 58 5.36 15.36 -3.10
CA GLU A 58 4.39 16.03 -3.98
C GLU A 58 2.93 15.71 -3.65
N ASP A 59 2.67 14.49 -3.18
CA ASP A 59 1.31 14.06 -2.85
C ASP A 59 0.65 14.88 -1.72
N TYR A 60 1.45 15.44 -0.82
CA TYR A 60 0.88 16.11 0.35
C TYR A 60 0.06 17.34 0.00
N SER A 61 0.44 18.03 -1.08
CA SER A 61 -0.20 19.28 -1.45
C SER A 61 -1.24 19.15 -2.57
N LYS A 62 -1.53 17.91 -2.98
CA LYS A 62 -2.51 17.68 -4.04
C LYS A 62 -3.94 17.77 -3.50
N GLU A 63 -4.10 17.46 -2.22
CA GLU A 63 -5.37 17.56 -1.50
C GLU A 63 -5.11 17.47 0.00
N ARG A 64 -6.14 17.76 0.79
CA ARG A 64 -5.96 17.78 2.23
C ARG A 64 -6.10 16.39 2.84
N ASN A 65 -4.98 15.79 3.22
CA ASN A 65 -5.02 14.49 3.87
C ASN A 65 -4.47 14.45 5.29
N PHE A 66 -4.08 15.62 5.79
CA PHE A 66 -3.78 15.86 7.23
C PHE A 66 -2.52 15.25 7.80
N LEU A 67 -2.17 14.03 7.40
CA LEU A 67 -1.07 13.30 8.04
C LEU A 67 0.19 14.13 8.16
N GLY A 68 0.74 14.15 9.37
CA GLY A 68 1.98 14.88 9.68
C GLY A 68 1.82 16.39 9.86
N GLY A 69 0.67 16.92 9.47
CA GLY A 69 0.52 18.37 9.31
C GLY A 69 0.39 19.15 10.61
N THR A 70 0.77 20.43 10.56
CA THR A 70 0.47 21.36 11.64
C THR A 70 -0.91 21.95 11.31
N VAL A 71 -1.94 21.39 11.94
CA VAL A 71 -3.33 21.73 11.63
C VAL A 71 -3.79 22.82 12.59
N GLY A 72 -4.25 23.93 12.03
CA GLY A 72 -4.70 25.08 12.81
C GLY A 72 -5.58 25.93 11.92
N ARG A 73 -6.19 27.00 12.43
CA ARG A 73 -5.93 27.54 13.77
C ARG A 73 -6.50 26.69 14.90
N ILE A 74 -7.59 25.97 14.63
CA ILE A 74 -8.18 25.05 15.58
C ILE A 74 -8.25 23.69 14.94
N ALA A 75 -7.59 22.71 15.55
CA ALA A 75 -7.69 21.32 15.11
C ALA A 75 -8.94 20.71 15.74
N GLY A 76 -9.70 19.97 14.94
CA GLY A 76 -10.92 19.33 15.45
C GLY A 76 -12.10 20.28 15.32
N ARG A 77 -13.22 19.90 15.94
CA ARG A 77 -14.49 20.57 15.70
C ARG A 77 -14.80 21.67 16.71
N VAL A 78 -15.63 22.62 16.28
CA VAL A 78 -16.20 23.64 17.15
C VAL A 78 -17.71 23.61 16.88
N ARG A 79 -18.46 23.38 17.95
CA ARG A 79 -19.92 23.24 17.87
C ARG A 79 -20.55 24.49 17.28
N ALA A 80 -21.30 24.30 16.17
CA ALA A 80 -22.02 25.38 15.46
C ALA A 80 -21.10 26.48 14.94
N GLY A 81 -19.79 26.18 14.91
CA GLY A 81 -18.77 27.17 14.60
C GLY A 81 -18.76 28.40 15.49
N GLN A 82 -19.29 28.27 16.71
CA GLN A 82 -19.53 29.46 17.55
C GLN A 82 -18.64 29.56 18.79
N TRP A 83 -18.12 30.76 18.99
CA TRP A 83 -17.28 31.09 20.14
C TRP A 83 -17.93 32.22 20.93
N LYS A 84 -18.37 31.93 22.16
CA LYS A 84 -18.96 32.96 23.01
CA LYS A 84 -18.98 32.95 23.03
C LYS A 84 -17.98 33.47 24.06
N HIS A 85 -17.81 34.78 24.08
CA HIS A 85 -17.00 35.44 25.12
C HIS A 85 -17.79 36.65 25.63
N GLY A 86 -18.12 36.63 26.92
CA GLY A 86 -19.00 37.65 27.47
C GLY A 86 -20.33 37.57 26.76
N ASN A 87 -20.81 38.72 26.30
CA ASN A 87 -22.07 38.80 25.55
C ASN A 87 -21.88 38.78 24.04
N GLU A 88 -20.68 38.39 23.59
CA GLU A 88 -20.36 38.36 22.18
C GLU A 88 -20.18 36.95 21.70
N ILE A 89 -20.67 36.65 20.50
CA ILE A 89 -20.45 35.35 19.87
C ILE A 89 -19.83 35.61 18.50
N HIS A 90 -18.76 34.87 18.19
CA HIS A 90 -18.17 34.94 16.87
C HIS A 90 -18.48 33.68 16.08
N GLN A 91 -18.79 33.86 14.79
CA GLN A 91 -19.18 32.75 13.92
C GLN A 91 -18.04 32.39 12.97
N LEU A 92 -17.59 31.13 13.07
CA LEU A 92 -16.57 30.54 12.18
C LEU A 92 -17.26 29.80 11.04
N PRO A 93 -16.53 29.52 9.92
CA PRO A 93 -17.17 28.91 8.75
C PRO A 93 -17.65 27.50 9.01
N LEU A 94 -18.83 27.19 8.48
CA LEU A 94 -19.41 25.86 8.70
C LEU A 94 -18.96 24.90 7.60
N ASN A 95 -17.74 24.38 7.75
CA ASN A 95 -17.18 23.45 6.77
C ASN A 95 -17.35 22.00 7.19
N ASP A 96 -18.06 21.77 8.29
CA ASP A 96 -18.32 20.42 8.81
C ASP A 96 -19.81 20.25 9.12
N GLY A 97 -20.64 20.35 8.08
CA GLY A 97 -22.09 20.30 8.25
C GLY A 97 -22.60 21.49 9.04
N ASP A 98 -23.13 21.21 10.22
CA ASP A 98 -23.59 22.27 11.13
C ASP A 98 -22.44 22.87 11.96
N ASN A 99 -21.25 22.30 11.86
CA ASN A 99 -20.11 22.69 12.72
C ASN A 99 -18.90 23.18 11.91
N HIS A 100 -17.85 23.61 12.61
CA HIS A 100 -16.60 24.05 11.99
C HIS A 100 -15.56 22.99 12.33
N ILE A 101 -14.62 22.75 11.43
CA ILE A 101 -13.55 21.80 11.74
C ILE A 101 -12.22 22.22 11.13
N HIS A 102 -11.15 21.97 11.88
CA HIS A 102 -9.78 22.04 11.35
C HIS A 102 -9.40 23.39 10.74
N GLY A 103 -9.94 24.49 11.28
CA GLY A 103 -9.52 25.83 10.88
C GLY A 103 -10.00 26.31 9.51
N GLY A 104 -10.94 25.58 8.90
CA GLY A 104 -11.36 25.90 7.53
C GLY A 104 -10.28 25.48 6.55
N ILE A 105 -9.77 26.43 5.78
CA ILE A 105 -8.60 26.18 4.93
C ILE A 105 -7.40 26.43 5.83
N GLY A 106 -7.03 25.38 6.56
CA GLY A 106 -6.13 25.50 7.69
C GLY A 106 -4.65 25.58 7.38
N THR A 107 -3.85 25.72 8.44
CA THR A 107 -2.42 25.98 8.31
C THR A 107 -1.62 24.81 7.74
N ASP A 108 -2.20 23.61 7.81
CA ASP A 108 -1.61 22.40 7.18
C ASP A 108 -1.66 22.46 5.66
N MET A 109 -2.39 23.45 5.12
CA MET A 109 -2.55 23.66 3.67
C MET A 109 -1.76 24.87 3.15
N HIS A 110 -1.06 25.56 4.04
CA HIS A 110 -0.25 26.74 3.67
C HIS A 110 1.23 26.41 3.57
N VAL A 111 1.95 27.19 2.76
CA VAL A 111 3.40 27.03 2.63
C VAL A 111 4.08 27.90 3.68
N TRP A 112 4.81 27.25 4.58
CA TRP A 112 5.50 27.97 5.66
C TRP A 112 6.91 28.31 5.17
N ASP A 113 7.48 29.37 5.72
CA ASP A 113 8.90 29.63 5.52
C ASP A 113 9.67 28.74 6.47
N PHE A 114 10.96 28.52 6.22
CA PHE A 114 11.73 27.62 7.08
C PHE A 114 13.21 28.01 7.15
N ARG A 115 13.88 27.49 8.17
CA ARG A 115 15.31 27.72 8.34
C ARG A 115 15.88 26.54 9.13
N PRO A 116 16.75 25.74 8.49
CA PRO A 116 17.41 24.66 9.21
C PRO A 116 18.60 25.20 10.01
N SER A 117 18.95 24.52 11.11
CA SER A 117 20.19 24.82 11.83
C SER A 117 20.60 23.62 12.65
N CYS A 118 21.84 23.63 13.09
CA CYS A 118 22.27 22.57 13.99
C CYS A 118 23.40 23.05 14.90
N ASP A 119 23.65 22.25 15.93
CA ASP A 119 24.77 22.48 16.82
C ASP A 119 25.27 21.14 17.35
N SER A 120 26.06 21.14 18.41
CA SER A 120 26.65 19.91 18.91
C SER A 120 25.64 18.94 19.54
N GLU A 121 24.43 19.43 19.82
CA GLU A 121 23.40 18.65 20.53
CA GLU A 121 23.41 18.63 20.51
C GLU A 121 22.14 18.37 19.70
N HIS A 122 21.85 19.27 18.75
CA HIS A 122 20.58 19.18 17.97
C HIS A 122 20.71 19.46 16.49
N ALA A 123 19.82 18.84 15.70
CA ALA A 123 19.59 19.23 14.31
C ALA A 123 18.12 19.63 14.26
N ARG A 124 17.84 20.78 13.68
CA ARG A 124 16.47 21.30 13.75
C ARG A 124 16.07 22.05 12.51
N VAL A 125 14.75 22.22 12.37
CA VAL A 125 14.22 23.15 11.40
C VAL A 125 13.13 23.99 12.07
N ASP A 126 13.25 25.31 11.93
CA ASP A 126 12.28 26.27 12.43
C ASP A 126 11.44 26.70 11.26
N LEU A 127 10.13 26.73 11.44
CA LEU A 127 9.21 27.13 10.35
C LEU A 127 8.33 28.25 10.86
N THR A 128 7.98 29.18 9.98
CA THR A 128 7.12 30.28 10.40
C THR A 128 6.04 30.52 9.37
N LEU A 129 4.91 31.04 9.86
CA LEU A 129 3.78 31.36 9.02
C LEU A 129 3.07 32.58 9.58
N PHE A 130 2.72 33.49 8.68
CA PHE A 130 1.87 34.62 9.02
C PHE A 130 0.48 34.36 8.47
N ASP A 131 -0.52 34.42 9.36
CA ASP A 131 -1.89 34.28 8.92
C ASP A 131 -2.65 35.57 9.22
N PRO A 132 -3.17 36.25 8.18
CA PRO A 132 -3.78 37.56 8.41
C PRO A 132 -5.11 37.50 9.16
N ASP A 133 -5.38 38.59 9.90
CA ASP A 133 -6.66 38.87 10.51
C ASP A 133 -7.81 38.62 9.54
N GLY A 134 -8.78 37.81 9.97
CA GLY A 134 -9.97 37.54 9.16
C GLY A 134 -9.85 36.34 8.25
N ASN A 135 -8.65 35.74 8.14
CA ASN A 135 -8.54 34.54 7.31
C ASN A 135 -9.35 33.42 7.95
N ASN A 136 -10.18 32.75 7.14
CA ASN A 136 -11.15 31.75 7.63
C ASN A 136 -12.06 32.31 8.73
N ASP A 137 -12.28 33.62 8.70
CA ASP A 137 -13.11 34.34 9.69
C ASP A 137 -12.59 34.24 11.14
N TYR A 138 -11.29 34.00 11.31
CA TYR A 138 -10.68 34.08 12.64
C TYR A 138 -10.12 35.48 12.90
N PRO A 139 -10.36 36.02 14.11
CA PRO A 139 -9.82 37.34 14.42
C PRO A 139 -8.32 37.30 14.77
N GLY A 140 -7.62 38.36 14.36
CA GLY A 140 -6.23 38.54 14.77
C GLY A 140 -5.24 38.14 13.71
N ASN A 141 -4.28 39.03 13.42
CA ASN A 141 -3.08 38.64 12.68
C ASN A 141 -2.33 37.70 13.59
N LEU A 142 -1.89 36.58 13.03
CA LEU A 142 -1.27 35.53 13.82
C LEU A 142 0.09 35.18 13.26
N LYS A 143 1.11 35.10 14.13
CA LYS A 143 2.42 34.62 13.74
CA LYS A 143 2.38 34.56 13.68
C LYS A 143 2.63 33.26 14.40
N LEU A 144 2.88 32.23 13.60
CA LEU A 144 3.08 30.86 14.09
C LEU A 144 4.52 30.49 13.88
N HIS A 145 5.07 29.76 14.84
CA HIS A 145 6.44 29.26 14.74
C HIS A 145 6.40 27.79 15.13
N ALA A 146 6.83 26.92 14.22
CA ALA A 146 6.94 25.48 14.52
C ALA A 146 8.40 25.11 14.50
N ARG A 147 8.83 24.22 15.38
CA ARG A 147 10.19 23.70 15.32
C ARG A 147 10.13 22.17 15.46
N TYR A 148 10.87 21.48 14.59
CA TYR A 148 11.14 20.04 14.76
C TYR A 148 12.62 19.95 15.10
N GLU A 149 12.94 19.30 16.22
CA GLU A 149 14.31 19.27 16.72
C GLU A 149 14.69 17.87 17.17
N LEU A 150 15.76 17.35 16.57
CA LEU A 150 16.22 15.98 16.75
C LEU A 150 17.50 15.99 17.60
N ASP A 151 17.59 15.11 18.60
CA ASP A 151 18.85 15.03 19.35
C ASP A 151 19.47 13.64 19.18
N ASN A 152 20.61 13.41 19.83
CA ASN A 152 21.28 12.10 19.71
C ASN A 152 20.69 10.98 20.57
N GLU A 153 19.59 11.27 21.26
CA GLU A 153 18.89 10.27 22.05
C GLU A 153 17.66 9.74 21.30
N ASN A 154 17.55 10.08 20.01
CA ASN A 154 16.40 9.71 19.17
C ASN A 154 15.07 10.22 19.69
N ASN A 155 15.14 11.40 20.32
CA ASN A 155 13.96 12.16 20.66
C ASN A 155 13.74 13.22 19.59
N LEU A 156 12.52 13.28 19.08
CA LEU A 156 12.10 14.34 18.18
C LEU A 156 11.15 15.22 18.97
N HIS A 157 11.57 16.47 19.15
CA HIS A 157 10.81 17.48 19.86
C HIS A 157 10.06 18.33 18.86
N TYR A 158 8.79 18.57 19.15
CA TYR A 158 7.97 19.48 18.37
C TYR A 158 7.55 20.64 19.25
N LEU A 159 7.82 21.86 18.80
CA LEU A 159 7.47 23.07 19.52
C LEU A 159 6.58 23.88 18.57
N LEU A 160 5.44 24.31 19.06
CA LEU A 160 4.57 25.15 18.26
C LEU A 160 4.18 26.36 19.11
N GLU A 161 4.58 27.53 18.65
CA GLU A 161 4.31 28.80 19.35
C GLU A 161 3.53 29.71 18.47
N ALA A 162 2.70 30.56 19.06
CA ALA A 162 1.98 31.54 18.28
C ALA A 162 1.60 32.74 19.11
N VAL A 163 1.41 33.87 18.43
CA VAL A 163 0.93 35.11 19.03
CA VAL A 163 0.86 35.07 19.05
C VAL A 163 -0.07 35.76 18.08
N SER A 164 -1.15 36.29 18.63
CA SER A 164 -2.15 37.05 17.88
C SER A 164 -2.17 38.51 18.34
N ASP A 165 -2.50 39.43 17.43
CA ASP A 165 -2.69 40.83 17.85
C ASP A 165 -4.15 41.20 18.24
N LYS A 166 -5.02 40.18 18.32
CA LYS A 166 -6.41 40.38 18.77
C LYS A 166 -6.84 39.22 19.64
N LEU A 167 -7.77 39.49 20.56
CA LEU A 167 -8.45 38.43 21.30
C LEU A 167 -8.94 37.37 20.30
N THR A 168 -8.58 36.11 20.54
CA THR A 168 -8.87 35.10 19.54
C THR A 168 -8.88 33.69 20.16
N ILE A 169 -9.15 32.68 19.33
CA ILE A 169 -9.16 31.28 19.76
C ILE A 169 -8.20 30.48 18.88
N PHE A 170 -7.45 29.59 19.53
CA PHE A 170 -6.33 28.92 18.84
C PHE A 170 -6.03 27.60 19.55
N ASN A 171 -6.06 26.50 18.80
CA ASN A 171 -5.88 25.15 19.38
C ASN A 171 -5.40 24.15 18.32
N PRO A 172 -4.17 24.38 17.81
CA PRO A 172 -3.65 23.61 16.69
C PRO A 172 -3.13 22.28 17.15
N VAL A 173 -2.76 21.43 16.21
CA VAL A 173 -2.21 20.14 16.59
C VAL A 173 -1.29 19.59 15.51
N ASN A 174 -0.32 18.78 15.92
CA ASN A 174 0.41 18.02 14.95
C ASN A 174 -0.33 16.71 14.68
N HIS A 175 -0.62 16.46 13.41
CA HIS A 175 -1.50 15.37 12.99
C HIS A 175 -0.74 14.14 12.47
N THR A 176 0.43 13.87 13.03
CA THR A 176 1.23 12.70 12.63
C THR A 176 0.50 11.41 13.03
N TYR A 177 0.50 10.41 12.14
CA TYR A 177 -0.01 9.08 12.45
C TYR A 177 1.19 8.15 12.65
N PHE A 178 1.17 7.40 13.73
CA PHE A 178 2.31 6.51 14.07
C PHE A 178 1.98 5.07 13.75
N ASN A 179 2.98 4.33 13.25
CA ASN A 179 2.80 2.90 12.97
C ASN A 179 3.97 2.01 13.36
N LEU A 180 5.09 2.64 13.75
CA LEU A 180 6.34 1.93 14.11
C LEU A 180 6.78 0.92 13.03
N GLY A 181 6.53 1.26 11.76
CA GLY A 181 6.93 0.43 10.63
C GLY A 181 6.03 -0.77 10.41
N GLU A 182 4.96 -0.86 11.18
CA GLU A 182 3.99 -1.96 11.08
C GLU A 182 2.61 -1.36 10.87
N ARG A 183 1.59 -1.95 11.49
CA ARG A 183 0.24 -1.40 11.42
C ARG A 183 -0.24 -1.12 12.85
N ALA A 184 -0.81 0.07 13.08
CA ALA A 184 -1.23 0.46 14.44
C ALA A 184 -2.23 -0.52 15.05
N GLU A 185 -3.10 -1.10 14.22
CA GLU A 185 -4.07 -2.09 14.68
C GLU A 185 -3.42 -3.24 15.48
N ASP A 186 -2.18 -3.58 15.12
CA ASP A 186 -1.44 -4.68 15.75
C ASP A 186 -0.54 -4.23 16.91
N LEU A 187 -0.48 -2.93 17.18
CA LEU A 187 0.46 -2.44 18.18
C LEU A 187 -0.16 -2.44 19.57
N ASN A 188 0.70 -2.52 20.57
CA ASN A 188 0.29 -2.33 21.96
C ASN A 188 0.32 -0.85 22.35
N LEU A 189 -0.61 -0.47 23.21
CA LEU A 189 -0.66 0.90 23.72
C LEU A 189 -0.94 0.91 25.21
N GLN A 190 -0.16 1.69 25.94
CA GLN A 190 -0.49 2.04 27.33
C GLN A 190 -0.59 3.56 27.36
N MET A 191 -1.62 4.06 28.03
CA MET A 191 -1.86 5.51 28.07
C MET A 191 -2.32 5.92 29.45
N ASN A 192 -1.66 6.95 30.00
CA ASN A 192 -1.97 7.43 31.33
C ASN A 192 -3.13 8.44 31.28
N ALA A 193 -4.31 7.89 31.03
CA ALA A 193 -5.56 8.64 30.95
C ALA A 193 -6.64 7.74 31.52
N ASP A 194 -7.37 8.26 32.51
CA ASP A 194 -8.45 7.51 33.17
C ASP A 194 -9.82 7.88 32.61
N TYR A 195 -9.84 8.93 31.78
CA TYR A 195 -11.10 9.45 31.21
C TYR A 195 -10.98 9.77 29.73
N TYR A 196 -12.09 9.60 29.01
CA TYR A 196 -12.19 10.01 27.63
C TYR A 196 -13.47 10.82 27.47
N LEU A 197 -13.62 11.48 26.33
CA LEU A 197 -14.83 12.24 26.03
C LEU A 197 -15.65 11.47 25.00
N PRO A 198 -16.75 10.85 25.44
CA PRO A 198 -17.62 10.28 24.41
C PRO A 198 -18.22 11.35 23.52
N VAL A 199 -18.43 11.00 22.25
CA VAL A 199 -18.91 11.97 21.26
C VAL A 199 -20.29 11.62 20.71
N ASP A 200 -20.95 12.61 20.11
CA ASP A 200 -22.25 12.39 19.47
C ASP A 200 -22.10 12.04 17.98
N GLU A 201 -23.23 11.95 17.26
CA GLU A 201 -23.22 11.65 15.82
C GLU A 201 -22.41 12.64 14.98
N ALA A 202 -22.29 13.87 15.47
CA ALA A 202 -21.55 14.93 14.79
C ALA A 202 -20.06 14.90 15.12
N GLY A 203 -19.67 13.99 16.00
CA GLY A 203 -18.25 13.81 16.35
C GLY A 203 -17.76 14.74 17.45
N LEU A 204 -18.68 15.44 18.13
CA LEU A 204 -18.31 16.34 19.23
C LEU A 204 -18.68 15.79 20.62
N PRO A 205 -17.91 16.14 21.67
CA PRO A 205 -18.31 15.75 23.04
C PRO A 205 -19.67 16.31 23.40
N ASP A 206 -20.45 15.57 24.18
CA ASP A 206 -21.78 16.06 24.57
C ASP A 206 -22.12 15.89 26.05
N ARG A 207 -21.20 15.34 26.85
CA ARG A 207 -21.49 15.06 28.27
CA ARG A 207 -21.49 15.00 28.25
C ARG A 207 -20.27 15.07 29.16
N GLY A 208 -19.20 15.69 28.69
CA GLY A 208 -17.94 15.73 29.43
C GLY A 208 -17.32 14.36 29.53
N MET A 209 -16.45 14.19 30.54
CA MET A 209 -15.66 12.97 30.71
C MET A 209 -16.49 11.76 31.14
N ALA A 210 -16.10 10.60 30.61
CA ALA A 210 -16.57 9.30 31.10
C ALA A 210 -15.35 8.45 31.42
N GLU A 211 -15.46 7.62 32.45
CA GLU A 211 -14.38 6.69 32.81
C GLU A 211 -14.06 5.75 31.67
N VAL A 212 -12.77 5.51 31.44
CA VAL A 212 -12.35 4.51 30.47
C VAL A 212 -12.60 3.09 31.02
N ALA A 213 -12.60 2.95 32.34
CA ALA A 213 -12.82 1.65 33.01
C ALA A 213 -14.08 0.98 32.49
N GLY A 214 -13.97 -0.29 32.12
CA GLY A 214 -15.12 -1.06 31.65
C GLY A 214 -15.51 -0.79 30.20
N THR A 215 -14.68 -0.04 29.47
CA THR A 215 -14.99 0.29 28.06
C THR A 215 -13.81 -0.10 27.18
N ALA A 216 -14.00 0.02 25.87
CA ALA A 216 -12.94 -0.21 24.88
C ALA A 216 -11.81 0.79 25.00
N PHE A 217 -12.06 1.89 25.72
CA PHE A 217 -11.11 3.01 25.78
C PHE A 217 -10.10 2.85 26.89
N ASP A 218 -10.17 1.74 27.60
CA ASP A 218 -9.28 1.53 28.73
C ASP A 218 -7.92 1.06 28.24
N PHE A 219 -6.97 2.00 28.16
CA PHE A 219 -5.58 1.67 27.91
C PHE A 219 -4.69 1.92 29.12
N ARG A 220 -5.26 1.89 30.33
CA ARG A 220 -4.46 2.13 31.53
C ARG A 220 -3.39 1.08 31.71
N LYS A 221 -3.74 -0.16 31.33
CA LYS A 221 -2.80 -1.26 31.23
C LYS A 221 -2.59 -1.55 29.76
N THR A 222 -1.35 -1.91 29.40
CA THR A 222 -0.97 -2.19 28.02
C THR A 222 -2.01 -3.10 27.34
N LYS A 223 -2.49 -2.66 26.17
CA LYS A 223 -3.52 -3.37 25.41
C LYS A 223 -3.29 -3.20 23.91
N ARG A 224 -3.58 -4.25 23.15
CA ARG A 224 -3.51 -4.19 21.70
C ARG A 224 -4.59 -3.24 21.18
N ILE A 225 -4.18 -2.26 20.36
CA ILE A 225 -5.11 -1.25 19.84
C ILE A 225 -6.30 -1.89 19.11
N GLY A 226 -6.03 -2.93 18.33
CA GLY A 226 -7.07 -3.69 17.62
C GLY A 226 -8.15 -4.28 18.50
N ASP A 227 -7.84 -4.60 19.76
CA ASP A 227 -8.86 -5.06 20.71
C ASP A 227 -9.94 -4.01 20.91
N ALA A 228 -9.56 -2.74 21.00
CA ALA A 228 -10.52 -1.63 21.07
C ALA A 228 -11.27 -1.46 19.74
N LEU A 229 -10.52 -1.48 18.64
CA LEU A 229 -11.07 -1.19 17.31
C LEU A 229 -12.10 -2.21 16.87
N ASN A 230 -11.90 -3.46 17.28
CA ASN A 230 -12.77 -4.54 16.83
C ASN A 230 -13.79 -4.97 17.89
N SER A 231 -13.93 -4.16 18.93
CA SER A 231 -14.86 -4.43 20.02
C SER A 231 -16.29 -4.02 19.65
N ASP A 232 -17.27 -4.40 20.47
CA ASP A 232 -18.67 -4.05 20.21
C ASP A 232 -19.10 -2.74 20.89
N ASP A 233 -18.12 -2.01 21.43
CA ASP A 233 -18.35 -0.77 22.14
C ASP A 233 -19.12 0.22 21.25
N SER A 234 -20.17 0.82 21.78
CA SER A 234 -21.06 1.66 20.97
C SER A 234 -20.37 2.92 20.45
N GLN A 235 -19.41 3.45 21.21
CA GLN A 235 -18.68 4.63 20.79
C GLN A 235 -17.69 4.30 19.68
N ILE A 236 -17.08 3.11 19.76
CA ILE A 236 -16.21 2.63 18.68
C ILE A 236 -17.01 2.44 17.40
N LYS A 237 -18.18 1.80 17.51
CA LYS A 237 -19.03 1.58 16.34
CA LYS A 237 -19.04 1.59 16.35
C LYS A 237 -19.48 2.91 15.73
N LEU A 238 -19.87 3.85 16.58
CA LEU A 238 -20.33 5.18 16.15
C LEU A 238 -19.31 5.92 15.28
N ARG A 239 -18.04 5.83 15.65
CA ARG A 239 -16.99 6.61 14.95
C ARG A 239 -16.12 5.74 14.05
N ASN A 240 -16.51 4.48 13.86
CA ASN A 240 -15.82 3.56 12.94
C ASN A 240 -14.38 3.30 13.40
N GLY A 241 -14.20 3.30 14.72
CA GLY A 241 -12.90 3.13 15.35
C GLY A 241 -12.67 4.18 16.43
N LEU A 242 -11.41 4.38 16.79
CA LEU A 242 -11.07 5.45 17.74
C LEU A 242 -11.09 6.80 17.01
N ASP A 243 -11.73 7.78 17.64
CA ASP A 243 -11.81 9.15 17.12
C ASP A 243 -12.15 10.03 18.33
N HIS A 244 -11.35 9.92 19.38
CA HIS A 244 -11.81 10.36 20.72
C HIS A 244 -10.73 11.10 21.51
N PRO A 245 -11.12 12.20 22.20
CA PRO A 245 -10.21 12.82 23.17
C PRO A 245 -10.05 12.00 24.44
N PHE A 246 -8.79 11.86 24.87
CA PHE A 246 -8.46 11.26 26.14
C PHE A 246 -7.88 12.33 27.03
N ILE A 247 -8.34 12.39 28.27
CA ILE A 247 -7.87 13.40 29.20
C ILE A 247 -6.78 12.82 30.10
N LEU A 248 -5.56 13.35 29.95
CA LEU A 248 -4.38 12.80 30.64
C LEU A 248 -4.45 12.95 32.17
N ASN A 249 -3.93 11.95 32.89
CA ASN A 249 -4.00 11.99 34.37
C ASN A 249 -2.80 12.66 35.02
N GLY A 250 -1.79 12.98 34.20
CA GLY A 250 -0.61 13.70 34.66
C GLY A 250 0.63 12.85 34.93
N ASN A 251 0.46 11.53 35.02
CA ASN A 251 1.63 10.65 35.18
C ASN A 251 2.33 10.40 33.86
N ASN A 252 3.64 10.14 33.94
CA ASN A 252 4.50 10.04 32.76
C ASN A 252 4.71 8.60 32.33
N PRO A 253 4.82 8.37 31.00
CA PRO A 253 4.59 9.30 29.88
C PRO A 253 3.11 9.41 29.58
N ALA A 254 2.75 10.32 28.68
CA ALA A 254 1.36 10.45 28.26
C ALA A 254 0.89 9.15 27.58
N ALA A 255 1.72 8.60 26.71
CA ALA A 255 1.38 7.36 25.98
C ALA A 255 2.66 6.60 25.69
N LEU A 256 2.55 5.27 25.61
CA LEU A 256 3.64 4.43 25.18
C LEU A 256 3.09 3.45 24.16
N LEU A 257 3.52 3.62 22.92
CA LEU A 257 3.11 2.75 21.82
C LEU A 257 4.25 1.76 21.55
N SER A 258 3.93 0.49 21.38
CA SER A 258 5.01 -0.50 21.20
C SER A 258 4.69 -1.67 20.26
N SER A 259 5.73 -2.11 19.56
CA SER A 259 5.75 -3.37 18.84
C SER A 259 6.75 -4.27 19.57
N ASN A 260 7.03 -5.45 19.02
CA ASN A 260 8.10 -6.28 19.57
C ASN A 260 9.49 -5.69 19.37
N LYS A 261 9.62 -4.82 18.38
CA LYS A 261 10.90 -4.27 17.96
C LYS A 261 11.15 -2.84 18.44
N HIS A 262 10.09 -2.03 18.52
CA HIS A 262 10.24 -0.59 18.82
C HIS A 262 9.27 -0.09 19.87
N ARG A 263 9.67 0.92 20.59
CA ARG A 263 8.74 1.68 21.40
CA ARG A 263 8.75 1.68 21.50
C ARG A 263 8.76 3.19 21.17
N LEU A 264 7.60 3.80 21.25
CA LEU A 264 7.51 5.25 21.13
C LEU A 264 6.97 5.76 22.46
N ILE A 265 7.70 6.69 23.06
CA ILE A 265 7.32 7.32 24.32
C ILE A 265 6.83 8.73 23.99
N VAL A 266 5.56 9.02 24.30
CA VAL A 266 4.96 10.31 23.96
C VAL A 266 4.82 11.16 25.22
N LYS A 267 5.38 12.37 25.18
CA LYS A 267 5.20 13.35 26.25
C LYS A 267 4.69 14.65 25.65
N THR A 268 3.97 15.43 26.45
CA THR A 268 3.38 16.67 25.93
C THR A 268 3.00 17.59 27.07
N ASN A 269 2.98 18.89 26.80
CA ASN A 269 2.39 19.82 27.75
C ASN A 269 0.88 20.07 27.49
N ALA A 270 0.30 19.36 26.52
CA ALA A 270 -1.15 19.40 26.31
C ALA A 270 -1.90 18.62 27.40
N PRO A 271 -3.16 19.02 27.69
CA PRO A 271 -3.95 18.27 28.66
C PRO A 271 -4.63 17.01 28.10
N ALA A 272 -4.65 16.88 26.78
CA ALA A 272 -5.40 15.80 26.15
C ALA A 272 -4.65 15.24 24.97
N LEU A 273 -4.95 13.99 24.63
CA LEU A 273 -4.54 13.41 23.36
C LEU A 273 -5.81 12.97 22.65
N VAL A 274 -5.98 13.43 21.41
CA VAL A 274 -7.07 12.93 20.57
C VAL A 274 -6.53 11.81 19.71
N LEU A 275 -7.13 10.63 19.87
CA LEU A 275 -6.67 9.42 19.16
C LEU A 275 -7.59 9.12 18.01
N TYR A 276 -7.01 9.10 16.81
CA TYR A 276 -7.74 8.77 15.60
C TYR A 276 -6.96 7.71 14.84
N ALA A 277 -7.61 6.59 14.58
CA ALA A 277 -6.92 5.40 14.04
C ALA A 277 -6.98 5.32 12.51
N GLY A 278 -7.05 6.46 11.82
CA GLY A 278 -7.07 6.47 10.36
C GLY A 278 -8.22 5.64 9.85
N ASN A 279 -9.40 5.88 10.44
CA ASN A 279 -10.58 5.03 10.28
C ASN A 279 -11.12 5.04 8.85
N HIS A 280 -10.80 6.10 8.11
CA HIS A 280 -11.33 6.32 6.77
C HIS A 280 -10.40 5.86 5.64
N PHE A 281 -9.15 5.53 5.95
CA PHE A 281 -8.21 5.10 4.91
C PHE A 281 -8.67 3.77 4.33
N ASN A 282 -8.42 3.55 3.04
CA ASN A 282 -8.91 2.33 2.42
C ASN A 282 -8.12 1.92 1.17
N HIS A 283 -6.85 2.33 1.10
CA HIS A 283 -5.98 2.01 -0.03
C HIS A 283 -6.54 2.50 -1.37
N THR A 284 -7.16 3.68 -1.38
CA THR A 284 -7.65 4.28 -2.63
C THR A 284 -7.24 5.74 -2.75
N GLY A 285 -7.29 6.25 -3.99
CA GLY A 285 -7.05 7.68 -4.23
C GLY A 285 -5.59 8.05 -4.11
N ILE A 286 -5.35 9.29 -3.71
CA ILE A 286 -3.98 9.79 -3.48
C ILE A 286 -3.29 8.99 -2.39
N VAL A 287 -4.05 8.62 -1.36
CA VAL A 287 -3.53 7.87 -0.22
C VAL A 287 -3.77 6.36 -0.43
N ASN A 288 -3.37 5.88 -1.60
CA ASN A 288 -3.59 4.46 -1.94
C ASN A 288 -2.63 3.48 -1.24
N ASN A 289 -1.59 4.02 -0.60
CA ASN A 289 -0.60 3.20 0.12
C ASN A 289 -0.94 2.96 1.59
N ILE A 290 -2.08 3.50 2.03
CA ILE A 290 -2.49 3.39 3.43
C ILE A 290 -3.91 2.85 3.53
N GLY A 291 -4.08 1.84 4.38
CA GLY A 291 -5.38 1.25 4.63
C GLY A 291 -5.90 1.53 6.03
N GLN A 292 -7.11 1.04 6.30
CA GLN A 292 -7.79 1.34 7.54
C GLN A 292 -7.00 0.85 8.74
N TYR A 293 -6.84 1.71 9.74
CA TYR A 293 -6.16 1.36 11.00
C TYR A 293 -4.65 1.11 10.87
N ASP A 294 -4.04 1.60 9.78
CA ASP A 294 -2.59 1.44 9.59
C ASP A 294 -1.78 2.29 10.56
N GLY A 295 -2.35 3.44 10.95
CA GLY A 295 -1.64 4.38 11.84
C GLY A 295 -2.59 4.97 12.88
N ILE A 296 -2.02 5.55 13.93
CA ILE A 296 -2.82 6.20 14.98
C ILE A 296 -2.20 7.54 15.37
N THR A 297 -3.04 8.57 15.47
CA THR A 297 -2.57 9.87 15.93
C THR A 297 -2.52 9.92 17.45
N PHE A 298 -1.69 10.82 17.97
CA PHE A 298 -1.76 11.25 19.36
C PHE A 298 -1.82 12.76 19.33
N GLU A 299 -2.97 13.27 18.91
CA GLU A 299 -3.13 14.71 18.71
C GLU A 299 -3.15 15.46 20.04
N ALA A 300 -2.03 16.12 20.31
CA ALA A 300 -1.80 16.76 21.61
C ALA A 300 -2.34 18.19 21.55
N GLN A 301 -3.51 18.39 22.15
CA GLN A 301 -4.18 19.68 22.10
C GLN A 301 -5.07 19.81 23.34
N CYS A 302 -5.66 20.99 23.52
CA CYS A 302 -6.81 21.10 24.42
C CYS A 302 -7.99 20.38 23.77
N PRO A 303 -8.83 19.71 24.58
CA PRO A 303 -9.87 18.88 23.96
C PRO A 303 -10.94 19.71 23.23
N PRO A 304 -11.55 19.14 22.17
CA PRO A 304 -12.74 19.77 21.60
C PRO A 304 -13.79 19.94 22.71
N ALA A 305 -14.58 21.02 22.61
CA ALA A 305 -15.54 21.40 23.64
C ALA A 305 -16.96 21.07 23.19
N GLU A 306 -17.87 20.89 24.15
CA GLU A 306 -19.26 20.57 23.81
C GLU A 306 -20.02 21.74 23.20
N GLY A 307 -19.57 22.97 23.47
CA GLY A 307 -20.34 24.15 23.05
C GLY A 307 -19.48 25.36 22.76
N ASN A 308 -20.04 26.55 23.05
CA ASN A 308 -19.38 27.81 22.67
C ASN A 308 -18.46 28.41 23.74
N ASP A 309 -18.33 27.72 24.87
CA ASP A 309 -17.38 28.16 25.89
C ASP A 309 -16.03 27.56 25.54
N LEU A 310 -15.15 28.42 25.02
CA LEU A 310 -13.82 28.04 24.56
C LEU A 310 -12.74 28.80 25.34
N GLY A 311 -13.02 29.08 26.61
CA GLY A 311 -12.09 29.82 27.47
C GLY A 311 -10.68 29.24 27.47
N GLN A 312 -10.60 27.91 27.54
CA GLN A 312 -9.31 27.18 27.61
C GLN A 312 -8.37 27.52 26.43
N ILE A 313 -8.97 27.77 25.26
CA ILE A 313 -8.21 28.04 24.04
C ILE A 313 -8.22 29.50 23.59
N THR A 314 -8.72 30.37 24.46
CA THR A 314 -8.78 31.79 24.16
C THR A 314 -7.41 32.40 24.42
N LEU A 315 -6.94 33.25 23.52
CA LEU A 315 -5.70 34.00 23.72
C LEU A 315 -6.02 35.49 23.78
N LEU A 316 -5.46 36.17 24.77
CA LEU A 316 -5.46 37.64 24.78
C LEU A 316 -4.56 38.14 23.64
N PRO A 317 -4.76 39.39 23.19
CA PRO A 317 -3.76 39.96 22.27
C PRO A 317 -2.38 39.86 22.95
N PHE A 318 -1.40 39.45 22.15
CA PHE A 318 0.04 39.39 22.53
C PHE A 318 0.41 38.29 23.51
N GLU A 319 -0.57 37.44 23.82
CA GLU A 319 -0.32 36.28 24.68
C GLU A 319 0.38 35.19 23.88
N LYS A 320 1.44 34.63 24.46
CA LYS A 320 2.23 33.59 23.82
C LYS A 320 1.59 32.23 24.06
N PHE A 321 1.17 31.58 22.98
CA PHE A 321 0.75 30.17 23.01
C PHE A 321 2.02 29.32 22.87
N LYS A 322 2.12 28.24 23.64
CA LYS A 322 3.24 27.31 23.50
C LYS A 322 2.79 25.87 23.73
N ARG A 323 2.92 25.05 22.68
CA ARG A 323 2.68 23.61 22.75
C ARG A 323 4.03 22.89 22.57
N THR A 324 4.28 21.88 23.40
CA THR A 324 5.41 20.98 23.18
C THR A 324 4.90 19.55 23.06
N VAL A 325 5.50 18.79 22.16
CA VAL A 325 5.34 17.34 22.12
C VAL A 325 6.73 16.74 21.98
N ASP A 326 6.98 15.67 22.70
CA ASP A 326 8.21 14.91 22.50
C ASP A 326 7.89 13.47 22.12
N TRP A 327 8.49 13.01 21.04
CA TRP A 327 8.33 11.64 20.57
C TRP A 327 9.71 10.99 20.68
N LYS A 328 9.88 10.07 21.62
CA LYS A 328 11.16 9.38 21.81
CA LYS A 328 11.17 9.38 21.78
C LYS A 328 11.04 7.95 21.31
N PHE A 329 11.96 7.56 20.42
CA PHE A 329 11.93 6.24 19.79
C PHE A 329 13.04 5.36 20.36
N GLU A 330 12.64 4.23 20.88
N GLU A 330 12.66 4.22 20.90
CA GLU A 330 13.59 3.31 21.39
CA GLU A 330 13.59 3.29 21.50
C GLU A 330 13.43 1.86 21.06
C GLU A 330 13.45 1.87 21.04
N GLU A 331 14.40 1.05 21.48
CA GLU A 331 14.40 -0.37 21.10
C GLU A 331 13.46 -1.20 21.97
N GLY A 332 12.84 -2.20 21.35
CA GLY A 332 11.81 -3.00 22.01
C GLY A 332 12.28 -4.03 23.01
N HIS A 333 11.34 -4.84 23.48
CA HIS A 333 11.59 -5.83 24.54
C HIS A 333 11.60 -7.25 23.98
N SER B 2 4.90 -36.18 5.65
CA SER B 2 3.83 -35.23 6.06
C SER B 2 3.57 -34.17 4.98
N LEU B 3 3.23 -34.65 3.79
CA LEU B 3 2.61 -33.77 2.80
C LEU B 3 1.24 -33.43 3.37
N LYS B 4 0.91 -32.14 3.42
CA LYS B 4 -0.27 -31.69 4.13
C LYS B 4 -0.82 -30.40 3.55
N THR B 5 -2.10 -30.15 3.83
CA THR B 5 -2.78 -28.97 3.34
C THR B 5 -3.58 -28.37 4.48
N ASN B 6 -3.88 -27.08 4.37
CA ASN B 6 -4.88 -26.44 5.22
C ASN B 6 -5.21 -25.11 4.59
N PHE B 7 -6.22 -24.45 5.14
CA PHE B 7 -6.56 -23.11 4.70
C PHE B 7 -7.19 -22.31 5.82
N VAL B 8 -7.14 -20.99 5.64
CA VAL B 8 -7.77 -20.05 6.54
CA VAL B 8 -7.74 -20.03 6.56
C VAL B 8 -8.61 -19.07 5.75
N LYS B 9 -9.81 -18.79 6.25
CA LYS B 9 -10.66 -17.77 5.67
C LYS B 9 -10.20 -16.41 6.20
N TYR B 10 -10.05 -15.42 5.31
CA TYR B 10 -9.60 -14.08 5.74
C TYR B 10 -10.56 -12.92 5.43
N GLU B 11 -11.48 -13.12 4.48
CA GLU B 11 -12.44 -12.12 4.03
CA GLU B 11 -12.58 -12.17 4.25
C GLU B 11 -13.65 -12.71 3.32
N ARG B 12 -14.58 -11.82 2.94
CA ARG B 12 -15.69 -12.12 2.03
C ARG B 12 -15.67 -11.22 0.79
N LYS B 13 -16.02 -11.79 -0.37
CA LYS B 13 -16.18 -11.03 -1.61
CA LYS B 13 -16.18 -11.03 -1.61
C LYS B 13 -17.14 -11.76 -2.55
N ASP B 14 -18.01 -11.01 -3.22
CA ASP B 14 -19.00 -11.58 -4.15
C ASP B 14 -19.87 -12.66 -3.51
N ASN B 15 -20.23 -12.44 -2.24
CA ASN B 15 -21.01 -13.39 -1.40
C ASN B 15 -20.31 -14.75 -1.20
N LYS B 16 -18.97 -14.72 -1.27
CA LYS B 16 -18.16 -15.93 -1.13
CA LYS B 16 -18.14 -15.93 -1.16
C LYS B 16 -16.98 -15.68 -0.20
N ASP B 17 -16.43 -16.75 0.34
CA ASP B 17 -15.34 -16.64 1.29
C ASP B 17 -14.03 -16.56 0.52
N LEU B 18 -13.16 -15.63 0.94
CA LEU B 18 -11.77 -15.58 0.46
C LEU B 18 -10.86 -16.30 1.45
N CYS B 19 -10.14 -17.30 0.94
CA CYS B 19 -9.30 -18.16 1.73
C CYS B 19 -7.86 -18.19 1.23
N GLU B 20 -6.95 -18.48 2.16
CA GLU B 20 -5.55 -18.64 1.85
C GLU B 20 -5.23 -20.10 2.16
N ILE B 21 -4.85 -20.85 1.13
CA ILE B 21 -4.60 -22.29 1.21
C ILE B 21 -3.10 -22.50 1.26
N THR B 22 -2.64 -23.34 2.19
CA THR B 22 -1.22 -23.65 2.33
C THR B 22 -0.97 -25.11 1.97
N LEU B 23 -0.04 -25.35 1.05
CA LEU B 23 0.45 -26.70 0.73
C LEU B 23 1.84 -26.82 1.31
N GLU B 24 2.10 -27.90 2.06
CA GLU B 24 3.45 -28.13 2.61
C GLU B 24 3.97 -29.52 2.29
N ASN B 25 5.29 -29.62 2.12
CA ASN B 25 5.91 -30.93 1.90
C ASN B 25 6.92 -31.27 3.00
N ASP B 26 7.73 -32.30 2.79
CA ASP B 26 8.77 -32.68 3.75
C ASP B 26 10.16 -32.20 3.33
N ALA B 27 10.19 -31.24 2.42
CA ALA B 27 11.46 -30.80 1.84
C ALA B 27 11.71 -29.29 1.99
N GLY B 28 10.98 -28.66 2.92
CA GLY B 28 11.21 -27.27 3.27
C GLY B 28 10.34 -26.29 2.51
N MET B 29 9.40 -26.81 1.70
CA MET B 29 8.55 -25.93 0.87
C MET B 29 7.15 -25.73 1.43
N ALA B 30 6.69 -24.47 1.42
CA ALA B 30 5.30 -24.15 1.73
C ALA B 30 4.80 -23.22 0.63
N VAL B 31 3.64 -23.55 0.07
CA VAL B 31 3.09 -22.78 -1.05
C VAL B 31 1.78 -22.20 -0.59
N LYS B 32 1.55 -20.90 -0.82
CA LYS B 32 0.31 -20.25 -0.42
C LYS B 32 -0.46 -19.83 -1.66
N VAL B 33 -1.73 -20.22 -1.70
CA VAL B 33 -2.59 -19.97 -2.85
C VAL B 33 -3.85 -19.28 -2.36
N LEU B 34 -4.37 -18.33 -3.14
CA LEU B 34 -5.66 -17.69 -2.83
C LEU B 34 -6.71 -18.21 -3.78
N ASN B 35 -7.91 -18.54 -3.29
CA ASN B 35 -8.98 -18.87 -4.24
C ASN B 35 -9.46 -17.66 -5.04
N TYR B 36 -9.26 -16.46 -4.49
CA TYR B 36 -9.40 -15.23 -5.29
C TYR B 36 -8.42 -15.28 -6.45
N GLY B 37 -8.95 -15.33 -7.68
CA GLY B 37 -8.14 -15.35 -8.90
C GLY B 37 -7.32 -16.61 -9.16
N ALA B 38 -7.52 -17.67 -8.36
CA ALA B 38 -6.66 -18.89 -8.36
C ALA B 38 -5.19 -18.45 -8.39
N THR B 39 -4.83 -17.72 -7.36
CA THR B 39 -3.63 -16.89 -7.38
C THR B 39 -2.52 -17.53 -6.56
N LEU B 40 -1.32 -17.60 -7.12
CA LEU B 40 -0.16 -18.06 -6.37
C LEU B 40 0.37 -16.88 -5.56
N GLU B 41 0.22 -16.99 -4.24
CA GLU B 41 0.56 -15.90 -3.35
C GLU B 41 2.02 -15.90 -2.91
N LYS B 42 2.50 -17.05 -2.42
CA LYS B 42 3.89 -17.15 -1.93
C LYS B 42 4.41 -18.54 -2.23
N VAL B 43 5.72 -18.62 -2.43
CA VAL B 43 6.44 -19.89 -2.52
C VAL B 43 7.61 -19.79 -1.55
N LEU B 44 7.46 -20.41 -0.39
CA LEU B 44 8.48 -20.32 0.67
C LEU B 44 9.37 -21.56 0.67
N LEU B 45 10.68 -21.35 0.52
CA LEU B 45 11.65 -22.44 0.60
C LEU B 45 12.54 -22.14 1.80
N ASP B 46 12.42 -23.01 2.82
CA ASP B 46 13.03 -22.77 4.14
C ASP B 46 12.77 -21.34 4.65
N GLY B 47 11.51 -20.91 4.52
CA GLY B 47 11.06 -19.62 4.99
C GLY B 47 11.32 -18.42 4.09
N GLU B 48 12.07 -18.64 3.00
CA GLU B 48 12.40 -17.58 2.05
C GLU B 48 11.42 -17.59 0.87
N ASN B 49 10.81 -16.44 0.59
CA ASN B 49 9.83 -16.31 -0.51
C ASN B 49 10.53 -16.20 -1.86
N MET B 50 10.16 -17.07 -2.80
CA MET B 50 10.81 -17.15 -4.10
C MET B 50 10.10 -16.30 -5.18
N ILE B 51 8.95 -15.74 -4.82
CA ILE B 51 8.14 -14.94 -5.76
C ILE B 51 7.74 -13.61 -5.15
N LEU B 52 7.32 -12.68 -6.00
CA LEU B 52 6.77 -11.41 -5.52
C LEU B 52 5.42 -11.68 -4.88
N SER B 53 5.16 -10.97 -3.79
CA SER B 53 3.89 -11.06 -3.06
C SER B 53 3.47 -9.67 -2.60
N LEU B 54 2.16 -9.49 -2.42
CA LEU B 54 1.64 -8.26 -1.80
C LEU B 54 1.77 -8.34 -0.28
N ASN B 55 1.60 -7.20 0.39
CA ASN B 55 1.74 -7.12 1.84
C ASN B 55 0.79 -8.01 2.63
N SER B 56 -0.43 -8.16 2.14
CA SER B 56 -1.41 -9.04 2.80
C SER B 56 -2.27 -9.72 1.74
N PRO B 57 -2.82 -10.91 2.05
CA PRO B 57 -3.74 -11.56 1.08
C PRO B 57 -4.90 -10.66 0.65
N GLU B 58 -5.45 -9.89 1.61
CA GLU B 58 -6.53 -8.93 1.32
C GLU B 58 -6.22 -7.97 0.15
N ASP B 59 -4.95 -7.59 0.03
CA ASP B 59 -4.55 -6.61 -1.00
C ASP B 59 -4.75 -7.08 -2.43
N TYR B 60 -4.71 -8.39 -2.66
CA TYR B 60 -4.85 -8.92 -4.03
C TYR B 60 -6.18 -8.51 -4.68
N SER B 61 -7.24 -8.41 -3.87
CA SER B 61 -8.57 -8.15 -4.37
C SER B 61 -9.00 -6.68 -4.27
N LYS B 62 -8.10 -5.82 -3.81
CA LYS B 62 -8.40 -4.38 -3.71
CA LYS B 62 -8.42 -4.39 -3.72
C LYS B 62 -8.23 -3.67 -5.05
N GLU B 63 -7.38 -4.21 -5.89
CA GLU B 63 -7.02 -3.60 -7.16
C GLU B 63 -6.48 -4.71 -8.07
N ARG B 64 -6.54 -4.52 -9.38
CA ARG B 64 -5.99 -5.54 -10.28
C ARG B 64 -4.48 -5.32 -10.42
N ASN B 65 -3.70 -6.15 -9.74
CA ASN B 65 -2.26 -6.06 -9.86
C ASN B 65 -1.58 -7.29 -10.45
N PHE B 66 -2.40 -8.28 -10.82
CA PHE B 66 -2.01 -9.41 -11.68
C PHE B 66 -1.11 -10.49 -11.06
N LEU B 67 -0.19 -10.07 -10.19
CA LEU B 67 0.85 -10.99 -9.71
C LEU B 67 0.26 -12.28 -9.14
N GLY B 68 0.80 -13.40 -9.61
CA GLY B 68 0.35 -14.74 -9.20
C GLY B 68 -0.97 -15.24 -9.79
N GLY B 69 -1.72 -14.36 -10.45
CA GLY B 69 -3.11 -14.67 -10.81
C GLY B 69 -3.24 -15.59 -12.01
N THR B 70 -4.39 -16.25 -12.11
CA THR B 70 -4.74 -17.00 -13.29
C THR B 70 -5.54 -16.02 -14.16
N VAL B 71 -4.85 -15.44 -15.14
CA VAL B 71 -5.40 -14.34 -15.94
C VAL B 71 -6.01 -14.94 -17.20
N GLY B 72 -7.27 -14.59 -17.48
CA GLY B 72 -8.00 -15.19 -18.59
C GLY B 72 -9.25 -14.35 -18.79
N ARG B 73 -10.06 -14.59 -19.82
CA ARG B 73 -9.96 -15.74 -20.71
C ARG B 73 -8.79 -15.69 -21.67
N ILE B 74 -8.38 -14.48 -22.05
CA ILE B 74 -7.15 -14.29 -22.84
C ILE B 74 -6.19 -13.41 -22.08
N ALA B 75 -4.99 -13.93 -21.82
CA ALA B 75 -3.91 -13.12 -21.24
C ALA B 75 -3.18 -12.37 -22.35
N GLY B 76 -2.90 -11.09 -22.09
CA GLY B 76 -2.22 -10.28 -23.06
C GLY B 76 -3.20 -9.69 -24.04
N ARG B 77 -2.67 -9.14 -25.14
CA ARG B 77 -3.47 -8.29 -26.01
C ARG B 77 -4.08 -9.03 -27.21
N VAL B 78 -5.20 -8.50 -27.71
CA VAL B 78 -5.82 -8.93 -28.96
C VAL B 78 -6.04 -7.68 -29.83
N ARG B 79 -5.45 -7.69 -31.02
CA ARG B 79 -5.46 -6.53 -31.92
C ARG B 79 -6.88 -6.11 -32.27
N ALA B 80 -7.22 -4.86 -31.94
CA ALA B 80 -8.56 -4.28 -32.22
C ALA B 80 -9.71 -5.01 -31.51
N GLY B 81 -9.35 -5.88 -30.56
CA GLY B 81 -10.31 -6.78 -29.90
C GLY B 81 -11.05 -7.72 -30.84
N GLN B 82 -10.48 -8.00 -32.02
CA GLN B 82 -11.21 -8.74 -33.05
C GLN B 82 -10.68 -10.15 -33.30
N TRP B 83 -11.63 -11.07 -33.40
CA TRP B 83 -11.35 -12.47 -33.71
C TRP B 83 -12.10 -12.83 -34.98
N LYS B 84 -11.36 -13.17 -36.03
CA LYS B 84 -11.98 -13.58 -37.29
CA LYS B 84 -11.95 -13.58 -37.30
C LYS B 84 -11.91 -15.09 -37.47
N HIS B 85 -13.07 -15.69 -37.73
CA HIS B 85 -13.15 -17.11 -38.05
C HIS B 85 -14.08 -17.27 -39.27
N GLY B 86 -13.53 -17.78 -40.37
CA GLY B 86 -14.27 -17.79 -41.63
C GLY B 86 -14.62 -16.36 -42.01
N ASN B 87 -15.88 -16.12 -42.36
CA ASN B 87 -16.36 -14.77 -42.68
C ASN B 87 -17.00 -14.01 -41.52
N GLU B 88 -16.74 -14.48 -40.30
CA GLU B 88 -17.31 -13.90 -39.10
C GLU B 88 -16.22 -13.27 -38.27
N ILE B 89 -16.50 -12.09 -37.74
CA ILE B 89 -15.57 -11.43 -36.82
C ILE B 89 -16.31 -11.16 -35.51
N HIS B 90 -15.69 -11.51 -34.38
CA HIS B 90 -16.29 -11.18 -33.09
C HIS B 90 -15.50 -10.05 -32.43
N GLN B 91 -16.23 -9.13 -31.79
CA GLN B 91 -15.64 -7.96 -31.15
C GLN B 91 -15.60 -8.11 -29.63
N LEU B 92 -14.39 -8.05 -29.08
CA LEU B 92 -14.15 -8.06 -27.62
C LEU B 92 -14.03 -6.62 -27.08
N PRO B 93 -14.23 -6.42 -25.77
CA PRO B 93 -14.20 -5.05 -25.22
C PRO B 93 -12.86 -4.36 -25.37
N LEU B 94 -12.90 -3.09 -25.77
CA LEU B 94 -11.67 -2.33 -25.97
C LEU B 94 -11.26 -1.66 -24.66
N ASN B 95 -10.61 -2.45 -23.80
CA ASN B 95 -10.15 -1.97 -22.49
C ASN B 95 -8.67 -1.61 -22.49
N ASP B 96 -8.06 -1.62 -23.67
CA ASP B 96 -6.64 -1.29 -23.84
C ASP B 96 -6.45 -0.35 -25.02
N GLY B 97 -7.09 0.81 -24.93
CA GLY B 97 -7.06 1.80 -26.03
C GLY B 97 -7.83 1.28 -27.22
N ASP B 98 -7.11 1.06 -28.31
CA ASP B 98 -7.70 0.49 -29.52
C ASP B 98 -7.80 -1.04 -29.46
N ASN B 99 -7.23 -1.63 -28.40
CA ASN B 99 -7.11 -3.07 -28.31
C ASN B 99 -7.83 -3.64 -27.07
N HIS B 100 -7.85 -4.96 -26.97
CA HIS B 100 -8.42 -5.68 -25.83
C HIS B 100 -7.23 -6.28 -25.07
N ILE B 101 -7.31 -6.35 -23.74
CA ILE B 101 -6.24 -7.01 -22.98
C ILE B 101 -6.77 -7.77 -21.77
N HIS B 102 -6.15 -8.92 -21.48
CA HIS B 102 -6.31 -9.62 -20.20
C HIS B 102 -7.76 -10.01 -19.89
N GLY B 103 -8.54 -10.30 -20.94
CA GLY B 103 -9.91 -10.83 -20.75
C GLY B 103 -10.95 -9.84 -20.24
N GLY B 104 -10.62 -8.55 -20.21
CA GLY B 104 -11.55 -7.56 -19.68
C GLY B 104 -11.50 -7.61 -18.16
N ILE B 105 -12.67 -7.82 -17.53
CA ILE B 105 -12.72 -8.12 -16.09
C ILE B 105 -12.47 -9.61 -15.97
N GLY B 106 -11.19 -9.96 -15.94
CA GLY B 106 -10.76 -11.32 -16.16
C GLY B 106 -10.82 -12.24 -14.96
N THR B 107 -10.43 -13.48 -15.20
CA THR B 107 -10.59 -14.55 -14.23
C THR B 107 -9.72 -14.40 -12.97
N ASP B 108 -8.66 -13.60 -13.08
CA ASP B 108 -7.81 -13.25 -11.93
C ASP B 108 -8.53 -12.33 -10.93
N MET B 109 -9.70 -11.83 -11.31
CA MET B 109 -10.51 -10.92 -10.50
C MET B 109 -11.75 -11.60 -9.95
N HIS B 110 -11.92 -12.90 -10.23
CA HIS B 110 -13.09 -13.66 -9.75
C HIS B 110 -12.75 -14.57 -8.59
N VAL B 111 -13.76 -14.90 -7.79
CA VAL B 111 -13.52 -15.79 -6.65
C VAL B 111 -13.78 -17.22 -7.13
N TRP B 112 -12.75 -18.05 -7.09
CA TRP B 112 -12.90 -19.44 -7.52
C TRP B 112 -13.31 -20.30 -6.34
N ASP B 113 -13.96 -21.43 -6.60
CA ASP B 113 -14.22 -22.40 -5.54
C ASP B 113 -12.97 -23.24 -5.45
N PHE B 114 -12.79 -23.92 -4.33
CA PHE B 114 -11.56 -24.71 -4.18
C PHE B 114 -11.75 -25.97 -3.32
N ARG B 115 -10.78 -26.87 -3.40
CA ARG B 115 -10.78 -28.10 -2.61
C ARG B 115 -9.34 -28.58 -2.43
N PRO B 116 -8.84 -28.56 -1.19
CA PRO B 116 -7.50 -29.11 -0.93
C PRO B 116 -7.56 -30.63 -0.82
N SER B 117 -6.46 -31.30 -1.20
CA SER B 117 -6.32 -32.73 -0.93
C SER B 117 -4.85 -33.10 -0.90
N CYS B 118 -4.54 -34.28 -0.36
CA CYS B 118 -3.17 -34.73 -0.37
C CYS B 118 -3.11 -36.24 -0.36
N ASP B 119 -1.93 -36.76 -0.68
CA ASP B 119 -1.70 -38.20 -0.61
C ASP B 119 -0.23 -38.42 -0.27
N SER B 120 0.26 -39.65 -0.46
CA SER B 120 1.63 -39.95 -0.06
C SER B 120 2.69 -39.26 -0.91
N GLU B 121 2.29 -38.75 -2.08
CA GLU B 121 3.25 -38.11 -2.97
CA GLU B 121 3.22 -38.12 -3.03
C GLU B 121 2.99 -36.62 -3.26
N HIS B 122 1.76 -36.15 -3.04
CA HIS B 122 1.43 -34.74 -3.34
C HIS B 122 0.58 -34.04 -2.30
N ALA B 123 0.72 -32.72 -2.22
CA ALA B 123 -0.22 -31.86 -1.51
C ALA B 123 -0.75 -30.89 -2.57
N ARG B 124 -2.06 -30.72 -2.66
CA ARG B 124 -2.60 -29.94 -3.77
C ARG B 124 -3.84 -29.15 -3.40
N VAL B 125 -4.15 -28.20 -4.26
CA VAL B 125 -5.43 -27.52 -4.21
C VAL B 125 -5.97 -27.43 -5.64
N ASP B 126 -7.20 -27.91 -5.81
CA ASP B 126 -7.94 -27.80 -7.06
C ASP B 126 -8.91 -26.66 -6.94
N LEU B 127 -8.98 -25.82 -7.97
CA LEU B 127 -9.89 -24.68 -7.97
C LEU B 127 -10.73 -24.72 -9.21
N THR B 128 -11.97 -24.24 -9.10
CA THR B 128 -12.86 -24.25 -10.27
C THR B 128 -13.60 -22.94 -10.37
N LEU B 129 -13.94 -22.58 -11.60
CA LEU B 129 -14.70 -21.36 -11.85
C LEU B 129 -15.61 -21.58 -13.04
N PHE B 130 -16.84 -21.10 -12.91
CA PHE B 130 -17.78 -21.09 -14.02
C PHE B 130 -17.87 -19.64 -14.53
N ASP B 131 -17.64 -19.45 -15.84
CA ASP B 131 -17.79 -18.13 -16.45
C ASP B 131 -18.87 -18.20 -17.53
N PRO B 132 -19.95 -17.44 -17.35
CA PRO B 132 -21.10 -17.57 -18.25
C PRO B 132 -20.84 -17.02 -19.65
N ASP B 133 -21.52 -17.64 -20.60
CA ASP B 133 -21.61 -17.17 -21.97
C ASP B 133 -21.88 -15.66 -22.02
N GLY B 134 -21.02 -14.94 -22.75
CA GLY B 134 -21.23 -13.51 -22.94
C GLY B 134 -20.53 -12.63 -21.93
N ASN B 135 -19.91 -13.23 -20.90
CA ASN B 135 -19.24 -12.40 -19.92
C ASN B 135 -18.01 -11.81 -20.59
N ASN B 136 -17.82 -10.49 -20.42
CA ASN B 136 -16.78 -9.73 -21.15
C ASN B 136 -16.89 -9.91 -22.67
N ASP B 137 -18.12 -10.18 -23.15
CA ASP B 137 -18.41 -10.45 -24.56
C ASP B 137 -17.64 -11.62 -25.18
N TYR B 138 -17.24 -12.59 -24.35
CA TYR B 138 -16.70 -13.85 -24.87
C TYR B 138 -17.80 -14.88 -25.05
N PRO B 139 -17.83 -15.58 -26.20
CA PRO B 139 -18.82 -16.63 -26.39
C PRO B 139 -18.53 -17.89 -25.58
N GLY B 140 -19.59 -18.55 -25.10
CA GLY B 140 -19.46 -19.87 -24.48
C GLY B 140 -19.48 -19.83 -22.98
N ASN B 141 -20.36 -20.65 -22.39
CA ASN B 141 -20.22 -21.00 -20.97
C ASN B 141 -18.94 -21.78 -20.82
N LEU B 142 -18.13 -21.39 -19.87
CA LEU B 142 -16.80 -21.94 -19.73
C LEU B 142 -16.59 -22.46 -18.31
N LYS B 143 -16.06 -23.67 -18.19
CA LYS B 143 -15.66 -24.16 -16.88
CA LYS B 143 -15.70 -24.22 -16.88
C LYS B 143 -14.16 -24.30 -16.85
N LEU B 144 -13.55 -23.63 -15.88
CA LEU B 144 -12.10 -23.63 -15.70
C LEU B 144 -11.78 -24.45 -14.48
N HIS B 145 -10.67 -25.18 -14.56
CA HIS B 145 -10.16 -25.94 -13.43
C HIS B 145 -8.66 -25.66 -13.35
N ALA B 146 -8.21 -25.16 -12.20
CA ALA B 146 -6.78 -24.94 -11.96
C ALA B 146 -6.35 -25.86 -10.84
N ARG B 147 -5.12 -26.34 -10.90
CA ARG B 147 -4.56 -27.13 -9.81
C ARG B 147 -3.15 -26.64 -9.54
N TYR B 148 -2.85 -26.43 -8.27
CA TYR B 148 -1.45 -26.24 -7.82
C TYR B 148 -1.10 -27.50 -7.04
N GLU B 149 0.00 -28.16 -7.40
CA GLU B 149 0.32 -29.44 -6.80
C GLU B 149 1.80 -29.49 -6.46
N LEU B 150 2.09 -29.76 -5.18
CA LEU B 150 3.44 -29.73 -4.65
C LEU B 150 3.87 -31.16 -4.36
N ASP B 151 5.11 -31.50 -4.73
CA ASP B 151 5.65 -32.81 -4.36
C ASP B 151 6.88 -32.65 -3.47
N ASN B 152 7.49 -33.78 -3.09
CA ASN B 152 8.65 -33.76 -2.22
C ASN B 152 9.99 -33.49 -2.92
N GLU B 153 9.94 -33.25 -4.23
CA GLU B 153 11.11 -32.84 -4.99
C GLU B 153 11.16 -31.32 -5.13
N ASN B 154 10.28 -30.61 -4.41
CA ASN B 154 10.16 -29.14 -4.52
C ASN B 154 9.83 -28.68 -5.94
N ASN B 155 9.01 -29.48 -6.60
CA ASN B 155 8.37 -29.07 -7.84
C ASN B 155 6.95 -28.62 -7.54
N LEU B 156 6.62 -27.43 -8.02
CA LEU B 156 5.24 -26.95 -7.97
C LEU B 156 4.67 -27.05 -9.38
N HIS B 157 3.66 -27.90 -9.54
CA HIS B 157 3.00 -28.14 -10.82
C HIS B 157 1.75 -27.29 -10.89
N TYR B 158 1.54 -26.63 -12.03
CA TYR B 158 0.35 -25.85 -12.28
C TYR B 158 -0.36 -26.48 -13.48
N LEU B 159 -1.64 -26.81 -13.30
CA LEU B 159 -2.45 -27.40 -14.36
C LEU B 159 -3.63 -26.48 -14.52
N LEU B 160 -3.93 -26.11 -15.76
CA LEU B 160 -5.08 -25.28 -16.01
C LEU B 160 -5.82 -25.89 -17.19
N GLU B 161 -7.07 -26.28 -16.93
CA GLU B 161 -7.90 -26.95 -17.92
C GLU B 161 -9.20 -26.18 -18.10
N ALA B 162 -9.78 -26.23 -19.29
CA ALA B 162 -11.06 -25.57 -19.50
C ALA B 162 -11.80 -26.22 -20.66
N VAL B 163 -13.12 -26.08 -20.63
CA VAL B 163 -13.99 -26.52 -21.71
C VAL B 163 -15.05 -25.44 -21.88
N SER B 164 -15.40 -25.15 -23.14
CA SER B 164 -16.47 -24.21 -23.46
C SER B 164 -17.59 -24.94 -24.18
N ASP B 165 -18.84 -24.46 -24.05
CA ASP B 165 -19.96 -25.06 -24.79
C ASP B 165 -20.25 -24.38 -26.15
N LYS B 166 -19.41 -23.43 -26.54
CA LYS B 166 -19.50 -22.77 -27.85
C LYS B 166 -18.11 -22.57 -28.44
N LEU B 167 -18.03 -22.50 -29.77
CA LEU B 167 -16.80 -22.08 -30.45
C LEU B 167 -16.30 -20.77 -29.81
N THR B 168 -15.04 -20.76 -29.40
CA THR B 168 -14.53 -19.62 -28.64
C THR B 168 -13.01 -19.49 -28.73
N ILE B 169 -12.48 -18.47 -28.06
CA ILE B 169 -11.03 -18.23 -27.97
C ILE B 169 -10.62 -18.13 -26.50
N PHE B 170 -9.48 -18.76 -26.19
CA PHE B 170 -9.08 -18.96 -24.80
C PHE B 170 -7.57 -19.14 -24.75
N ASN B 171 -6.90 -18.29 -23.98
CA ASN B 171 -5.42 -18.29 -23.89
C ASN B 171 -4.96 -17.68 -22.57
N PRO B 172 -5.28 -18.36 -21.45
CA PRO B 172 -4.99 -17.81 -20.15
C PRO B 172 -3.53 -17.98 -19.75
N VAL B 173 -3.15 -17.37 -18.63
CA VAL B 173 -1.79 -17.55 -18.18
C VAL B 173 -1.68 -17.41 -16.66
N ASN B 174 -0.69 -18.09 -16.08
CA ASN B 174 -0.35 -17.79 -14.70
C ASN B 174 0.67 -16.64 -14.68
N HIS B 175 0.34 -15.57 -13.95
CA HIS B 175 1.08 -14.32 -14.01
C HIS B 175 2.01 -14.16 -12.78
N THR B 176 2.56 -15.26 -12.29
CA THR B 176 3.53 -15.18 -11.17
C THR B 176 4.81 -14.45 -11.59
N TYR B 177 5.29 -13.55 -10.72
CA TYR B 177 6.60 -12.92 -10.91
C TYR B 177 7.60 -13.60 -9.99
N PHE B 178 8.74 -13.97 -10.54
CA PHE B 178 9.77 -14.68 -9.76
C PHE B 178 10.91 -13.75 -9.37
N ASN B 179 11.43 -13.92 -8.16
CA ASN B 179 12.59 -13.12 -7.72
C ASN B 179 13.66 -13.91 -6.96
N LEU B 180 13.34 -15.17 -6.62
CA LEU B 180 14.24 -16.05 -5.85
C LEU B 180 14.72 -15.40 -4.55
N GLY B 181 13.84 -14.60 -3.94
CA GLY B 181 14.15 -13.94 -2.68
C GLY B 181 15.06 -12.74 -2.79
N GLU B 182 15.37 -12.33 -4.02
CA GLU B 182 16.14 -11.09 -4.22
CA GLU B 182 16.21 -11.17 -4.32
C GLU B 182 15.48 -10.22 -5.27
N ARG B 183 16.22 -9.67 -6.23
CA ARG B 183 15.65 -8.83 -7.29
C ARG B 183 15.97 -9.46 -8.64
N ALA B 184 14.94 -9.63 -9.49
CA ALA B 184 15.13 -10.28 -10.79
C ALA B 184 16.18 -9.59 -11.66
N GLU B 185 16.29 -8.26 -11.54
CA GLU B 185 17.29 -7.49 -12.27
C GLU B 185 18.70 -8.05 -12.09
N ASP B 186 18.99 -8.56 -10.88
CA ASP B 186 20.30 -9.11 -10.54
C ASP B 186 20.47 -10.61 -10.84
N LEU B 187 19.40 -11.27 -11.26
CA LEU B 187 19.43 -12.72 -11.47
C LEU B 187 19.97 -13.10 -12.84
N ASN B 188 20.53 -14.31 -12.93
CA ASN B 188 20.92 -14.87 -14.22
C ASN B 188 19.75 -15.65 -14.86
N LEU B 189 19.72 -15.66 -16.18
CA LEU B 189 18.67 -16.38 -16.92
C LEU B 189 19.28 -17.05 -18.13
N GLN B 190 18.94 -18.32 -18.34
CA GLN B 190 19.19 -18.99 -19.60
C GLN B 190 17.82 -19.46 -20.09
N MET B 191 17.56 -19.30 -21.38
CA MET B 191 16.25 -19.66 -21.95
C MET B 191 16.43 -20.31 -23.31
N ASN B 192 15.81 -21.46 -23.48
CA ASN B 192 15.88 -22.18 -24.75
C ASN B 192 14.88 -21.64 -25.77
N ALA B 193 15.18 -20.44 -26.26
CA ALA B 193 14.40 -19.73 -27.27
C ALA B 193 15.38 -18.95 -28.15
N ASP B 194 15.26 -19.17 -29.45
CA ASP B 194 16.12 -18.52 -30.42
C ASP B 194 15.45 -17.33 -31.07
N TYR B 195 14.14 -17.17 -30.81
CA TYR B 195 13.34 -16.10 -31.42
C TYR B 195 12.44 -15.43 -30.39
N TYR B 196 12.17 -14.15 -30.63
CA TYR B 196 11.20 -13.39 -29.83
C TYR B 196 10.32 -12.63 -30.81
N LEU B 197 9.23 -12.05 -30.30
CA LEU B 197 8.34 -11.26 -31.14
C LEU B 197 8.54 -9.79 -30.79
N PRO B 198 9.18 -9.03 -31.69
CA PRO B 198 9.20 -7.58 -31.46
C PRO B 198 7.79 -7.02 -31.50
N VAL B 199 7.55 -5.99 -30.70
CA VAL B 199 6.23 -5.39 -30.61
C VAL B 199 6.21 -3.94 -31.08
N ASP B 200 5.00 -3.44 -31.35
CA ASP B 200 4.81 -2.04 -31.70
C ASP B 200 4.53 -1.16 -30.47
N GLU B 201 4.23 0.12 -30.71
CA GLU B 201 3.94 1.10 -29.67
C GLU B 201 2.74 0.67 -28.81
N ALA B 202 1.83 -0.11 -29.40
CA ALA B 202 0.65 -0.61 -28.70
C ALA B 202 0.93 -1.90 -27.91
N GLY B 203 2.15 -2.42 -28.02
CA GLY B 203 2.54 -3.61 -27.26
C GLY B 203 2.21 -4.95 -27.91
N LEU B 204 1.81 -4.91 -29.17
CA LEU B 204 1.47 -6.13 -29.92
C LEU B 204 2.54 -6.48 -30.98
N PRO B 205 2.74 -7.79 -31.26
CA PRO B 205 3.63 -8.19 -32.35
C PRO B 205 3.16 -7.59 -33.69
N ASP B 206 4.11 -7.18 -34.53
CA ASP B 206 3.73 -6.61 -35.82
C ASP B 206 4.48 -7.19 -37.02
N ARG B 207 5.38 -8.13 -36.79
CA ARG B 207 6.21 -8.66 -37.89
C ARG B 207 6.68 -10.10 -37.69
N GLY B 208 6.01 -10.80 -36.78
CA GLY B 208 6.40 -12.16 -36.43
C GLY B 208 7.72 -12.24 -35.73
N MET B 209 8.35 -13.41 -35.82
CA MET B 209 9.58 -13.68 -35.08
C MET B 209 10.79 -12.93 -35.62
N ALA B 210 11.66 -12.54 -34.70
CA ALA B 210 13.00 -12.03 -34.99
C ALA B 210 13.99 -12.81 -34.15
N GLU B 211 15.17 -13.08 -34.72
CA GLU B 211 16.22 -13.78 -33.97
C GLU B 211 16.62 -12.99 -32.73
N VAL B 212 16.85 -13.71 -31.64
CA VAL B 212 17.37 -13.08 -30.43
C VAL B 212 18.85 -12.74 -30.60
N ALA B 213 19.55 -13.48 -31.48
CA ALA B 213 20.98 -13.25 -31.73
C ALA B 213 21.27 -11.80 -32.11
N GLY B 214 22.29 -11.23 -31.48
CA GLY B 214 22.67 -9.84 -31.70
C GLY B 214 21.77 -8.80 -31.04
N THR B 215 20.88 -9.24 -30.15
CA THR B 215 19.97 -8.31 -29.47
C THR B 215 20.02 -8.53 -27.95
N ALA B 216 19.37 -7.63 -27.21
CA ALA B 216 19.26 -7.76 -25.75
C ALA B 216 18.46 -8.99 -25.34
N PHE B 217 17.71 -9.55 -26.29
CA PHE B 217 16.80 -10.67 -26.00
C PHE B 217 17.52 -12.02 -26.02
N ASP B 218 18.82 -12.00 -26.29
CA ASP B 218 19.57 -13.25 -26.38
C ASP B 218 19.90 -13.82 -25.00
N PHE B 219 19.09 -14.78 -24.55
CA PHE B 219 19.39 -15.51 -23.31
C PHE B 219 19.74 -16.97 -23.60
N ARG B 220 20.19 -17.26 -24.83
CA ARG B 220 20.59 -18.64 -25.18
C ARG B 220 21.72 -19.14 -24.30
N LYS B 221 22.64 -18.24 -23.96
CA LYS B 221 23.64 -18.48 -22.93
C LYS B 221 23.27 -17.67 -21.70
N THR B 222 23.53 -18.24 -20.53
CA THR B 222 23.26 -17.59 -19.25
C THR B 222 23.70 -16.13 -19.25
N LYS B 223 22.78 -15.23 -18.91
CA LYS B 223 23.04 -13.80 -18.91
C LYS B 223 22.30 -13.14 -17.73
N ARG B 224 22.89 -12.12 -17.14
CA ARG B 224 22.21 -11.33 -16.11
C ARG B 224 21.05 -10.56 -16.74
N ILE B 225 19.87 -10.66 -16.13
CA ILE B 225 18.66 -10.05 -16.69
C ILE B 225 18.82 -8.53 -16.84
N GLY B 226 19.42 -7.91 -15.82
CA GLY B 226 19.71 -6.47 -15.85
C GLY B 226 20.55 -5.98 -17.01
N ASP B 227 21.38 -6.85 -17.56
CA ASP B 227 22.15 -6.53 -18.78
C ASP B 227 21.24 -6.24 -19.97
N ALA B 228 20.17 -7.03 -20.12
CA ALA B 228 19.14 -6.75 -21.12
C ALA B 228 18.33 -5.51 -20.77
N LEU B 229 17.95 -5.39 -19.50
CA LEU B 229 17.07 -4.31 -19.07
C LEU B 229 17.75 -2.95 -19.18
N ASN B 230 19.06 -2.92 -18.98
CA ASN B 230 19.79 -1.64 -19.02
C ASN B 230 20.52 -1.35 -20.35
N SER B 231 20.24 -2.16 -21.36
CA SER B 231 20.84 -1.95 -22.68
C SER B 231 20.14 -0.83 -23.48
N ASP B 232 20.75 -0.47 -24.60
CA ASP B 232 20.23 0.56 -25.49
C ASP B 232 19.35 -0.02 -26.60
N ASP B 233 19.02 -1.31 -26.47
CA ASP B 233 18.18 -2.01 -27.45
C ASP B 233 16.84 -1.27 -27.62
N SER B 234 16.45 -1.01 -28.86
CA SER B 234 15.30 -0.14 -29.10
C SER B 234 13.97 -0.77 -28.63
N GLN B 235 13.88 -2.09 -28.67
CA GLN B 235 12.67 -2.77 -28.19
C GLN B 235 12.57 -2.72 -26.66
N ILE B 236 13.71 -2.84 -25.98
CA ILE B 236 13.78 -2.68 -24.53
C ILE B 236 13.35 -1.27 -24.13
N LYS B 237 13.87 -0.27 -24.84
CA LYS B 237 13.52 1.12 -24.59
C LYS B 237 12.03 1.36 -24.83
N LEU B 238 11.51 0.82 -25.92
CA LEU B 238 10.10 1.00 -26.29
C LEU B 238 9.14 0.55 -25.19
N ARG B 239 9.44 -0.60 -24.59
CA ARG B 239 8.54 -1.22 -23.61
C ARG B 239 9.00 -1.02 -22.16
N ASN B 240 10.01 -0.18 -21.97
CA ASN B 240 10.52 0.14 -20.63
C ASN B 240 11.10 -1.07 -19.89
N GLY B 241 11.71 -1.98 -20.66
CA GLY B 241 12.22 -3.24 -20.12
C GLY B 241 11.72 -4.41 -20.98
N LEU B 242 11.77 -5.63 -20.44
CA LEU B 242 11.23 -6.81 -21.13
C LEU B 242 9.71 -6.82 -21.02
N ASP B 243 9.03 -7.05 -22.13
CA ASP B 243 7.56 -7.15 -22.19
C ASP B 243 7.25 -7.90 -23.49
N HIS B 244 7.85 -9.08 -23.63
CA HIS B 244 7.99 -9.71 -24.95
C HIS B 244 7.77 -11.20 -24.93
N PRO B 245 7.04 -11.71 -25.95
CA PRO B 245 6.95 -13.15 -26.15
C PRO B 245 8.23 -13.74 -26.69
N PHE B 246 8.65 -14.86 -26.11
CA PHE B 246 9.78 -15.66 -26.60
C PHE B 246 9.23 -16.98 -27.12
N ILE B 247 9.71 -17.43 -28.27
CA ILE B 247 9.18 -18.65 -28.88
C ILE B 247 10.15 -19.79 -28.57
N LEU B 248 9.68 -20.78 -27.83
CA LEU B 248 10.59 -21.81 -27.33
C LEU B 248 11.09 -22.73 -28.46
N ASN B 249 12.35 -23.17 -28.37
CA ASN B 249 12.94 -24.03 -29.42
C ASN B 249 12.74 -25.53 -29.20
N GLY B 250 12.15 -25.89 -28.04
CA GLY B 250 11.76 -27.26 -27.74
C GLY B 250 12.73 -28.05 -26.88
N ASN B 251 13.94 -27.54 -26.73
CA ASN B 251 14.91 -28.20 -25.83
C ASN B 251 14.63 -27.83 -24.36
N ASN B 252 15.02 -28.72 -23.46
CA ASN B 252 14.67 -28.60 -22.03
C ASN B 252 15.81 -28.03 -21.19
N PRO B 253 15.48 -27.23 -20.16
CA PRO B 253 14.14 -26.74 -19.81
C PRO B 253 13.81 -25.48 -20.62
N ALA B 254 12.59 -24.98 -20.45
CA ALA B 254 12.18 -23.78 -21.17
C ALA B 254 13.03 -22.60 -20.70
N ALA B 255 13.22 -22.49 -19.39
CA ALA B 255 14.00 -21.39 -18.81
C ALA B 255 14.66 -21.87 -17.53
N LEU B 256 15.80 -21.26 -17.20
CA LEU B 256 16.47 -21.55 -15.95
C LEU B 256 16.89 -20.21 -15.35
N LEU B 257 16.27 -19.86 -14.25
CA LEU B 257 16.51 -18.59 -13.55
C LEU B 257 17.36 -18.93 -12.32
N SER B 258 18.41 -18.15 -12.07
CA SER B 258 19.29 -18.50 -10.95
C SER B 258 19.93 -17.31 -10.23
N SER B 259 20.11 -17.49 -8.92
CA SER B 259 20.97 -16.64 -8.10
C SER B 259 22.17 -17.50 -7.68
N ASN B 260 23.00 -16.99 -6.78
CA ASN B 260 24.06 -17.82 -6.18
C ASN B 260 23.53 -18.93 -5.28
N LYS B 261 22.32 -18.74 -4.74
CA LYS B 261 21.79 -19.65 -3.74
C LYS B 261 20.70 -20.60 -4.27
N HIS B 262 19.98 -20.15 -5.30
CA HIS B 262 18.79 -20.88 -5.77
C HIS B 262 18.71 -20.98 -7.28
N ARG B 263 18.09 -22.05 -7.75
CA ARG B 263 17.81 -22.25 -9.18
CA ARG B 263 17.80 -22.22 -9.17
C ARG B 263 16.31 -22.53 -9.36
N LEU B 264 15.70 -21.90 -10.35
CA LEU B 264 14.33 -22.25 -10.75
C LEU B 264 14.38 -22.81 -12.17
N ILE B 265 13.85 -24.02 -12.32
CA ILE B 265 13.80 -24.70 -13.62
C ILE B 265 12.34 -24.61 -14.05
N VAL B 266 12.11 -23.99 -15.20
CA VAL B 266 10.74 -23.80 -15.73
C VAL B 266 10.50 -24.73 -16.93
N LYS B 267 9.43 -25.53 -16.84
CA LYS B 267 9.00 -26.39 -17.94
CA LYS B 267 9.01 -26.34 -17.98
C LYS B 267 7.53 -26.10 -18.23
N THR B 268 7.11 -26.30 -19.47
CA THR B 268 5.71 -26.02 -19.83
C THR B 268 5.36 -26.73 -21.12
N ASN B 269 4.05 -27.00 -21.30
CA ASN B 269 3.57 -27.44 -22.61
C ASN B 269 3.13 -26.26 -23.52
N ALA B 270 3.33 -25.02 -23.06
CA ALA B 270 3.05 -23.83 -23.89
C ALA B 270 4.16 -23.65 -24.94
N PRO B 271 3.84 -23.06 -26.11
CA PRO B 271 4.85 -22.81 -27.13
C PRO B 271 5.71 -21.56 -26.88
N ALA B 272 5.28 -20.72 -25.95
CA ALA B 272 5.94 -19.44 -25.73
C ALA B 272 5.98 -19.09 -24.25
N LEU B 273 6.97 -18.26 -23.88
CA LEU B 273 6.98 -17.60 -22.58
C LEU B 273 6.98 -16.10 -22.82
N VAL B 274 6.02 -15.40 -22.22
CA VAL B 274 6.00 -13.94 -22.28
C VAL B 274 6.70 -13.42 -21.03
N LEU B 275 7.78 -12.67 -21.23
CA LEU B 275 8.59 -12.19 -20.11
C LEU B 275 8.29 -10.72 -19.86
N TYR B 276 7.86 -10.42 -18.65
CA TYR B 276 7.58 -9.06 -18.25
C TYR B 276 8.27 -8.80 -16.93
N ALA B 277 9.09 -7.75 -16.89
CA ALA B 277 9.99 -7.57 -15.73
C ALA B 277 9.45 -6.60 -14.69
N GLY B 278 8.12 -6.52 -14.55
CA GLY B 278 7.53 -5.62 -13.55
C GLY B 278 7.91 -4.18 -13.82
N ASN B 279 7.83 -3.80 -15.10
CA ASN B 279 8.45 -2.56 -15.60
C ASN B 279 7.81 -1.31 -15.01
N HIS B 280 6.54 -1.43 -14.63
CA HIS B 280 5.72 -0.30 -14.15
C HIS B 280 5.74 -0.11 -12.62
N PHE B 281 6.29 -1.07 -11.87
CA PHE B 281 6.30 -0.98 -10.42
C PHE B 281 7.25 0.13 -9.99
N ASN B 282 6.93 0.81 -8.90
CA ASN B 282 7.74 1.96 -8.50
C ASN B 282 7.67 2.27 -7.01
N HIS B 283 7.42 1.25 -6.19
CA HIS B 283 7.29 1.40 -4.72
C HIS B 283 6.22 2.43 -4.31
N THR B 284 5.09 2.43 -5.01
CA THR B 284 3.97 3.29 -4.62
C THR B 284 2.68 2.50 -4.54
N GLY B 285 1.69 3.09 -3.86
CA GLY B 285 0.34 2.54 -3.79
C GLY B 285 0.23 1.28 -2.97
N ILE B 286 -0.71 0.42 -3.36
CA ILE B 286 -0.93 -0.85 -2.65
C ILE B 286 0.32 -1.73 -2.76
N VAL B 287 0.98 -1.65 -3.92
CA VAL B 287 2.17 -2.44 -4.21
C VAL B 287 3.43 -1.61 -3.88
N ASN B 288 3.42 -0.96 -2.70
CA ASN B 288 4.53 -0.07 -2.33
C ASN B 288 5.79 -0.83 -1.94
N ASN B 289 5.67 -2.15 -1.76
CA ASN B 289 6.81 -3.01 -1.41
C ASN B 289 7.56 -3.53 -2.63
N ILE B 290 7.10 -3.17 -3.82
CA ILE B 290 7.68 -3.68 -5.08
C ILE B 290 8.09 -2.53 -5.99
N GLY B 291 9.35 -2.59 -6.42
CA GLY B 291 9.92 -1.60 -7.33
C GLY B 291 10.19 -2.21 -8.69
N GLN B 292 10.61 -1.36 -9.62
CA GLN B 292 10.83 -1.71 -11.01
C GLN B 292 11.87 -2.82 -11.10
N TYR B 293 11.56 -3.86 -11.89
CA TYR B 293 12.47 -4.99 -12.15
C TYR B 293 12.76 -5.90 -10.95
N ASP B 294 11.91 -5.84 -9.92
CA ASP B 294 12.11 -6.70 -8.75
C ASP B 294 11.78 -8.16 -9.05
N GLY B 295 10.85 -8.38 -9.99
CA GLY B 295 10.43 -9.74 -10.36
C GLY B 295 10.26 -9.87 -11.86
N ILE B 296 10.23 -11.11 -12.34
CA ILE B 296 10.04 -11.36 -13.77
C ILE B 296 9.03 -12.50 -13.98
N THR B 297 8.12 -12.33 -14.92
CA THR B 297 7.17 -13.40 -15.25
C THR B 297 7.77 -14.36 -16.28
N PHE B 298 7.24 -15.58 -16.30
CA PHE B 298 7.45 -16.52 -17.40
C PHE B 298 6.07 -16.99 -17.83
N GLU B 299 5.34 -16.09 -18.48
CA GLU B 299 3.92 -16.30 -18.79
C GLU B 299 3.81 -17.34 -19.90
N ALA B 300 3.45 -18.57 -19.49
CA ALA B 300 3.45 -19.70 -20.40
C ALA B 300 2.11 -19.78 -21.10
N GLN B 301 2.08 -19.36 -22.36
CA GLN B 301 0.84 -19.26 -23.16
C GLN B 301 1.15 -19.38 -24.65
N CYS B 302 0.09 -19.43 -25.48
CA CYS B 302 0.29 -19.19 -26.91
C CYS B 302 0.58 -17.70 -27.07
N PRO B 303 1.48 -17.34 -28.00
CA PRO B 303 1.88 -15.95 -28.06
C PRO B 303 0.74 -15.03 -28.52
N PRO B 304 0.75 -13.76 -28.05
CA PRO B 304 -0.12 -12.74 -28.64
C PRO B 304 0.08 -12.72 -30.17
N ALA B 305 -1.01 -12.49 -30.91
CA ALA B 305 -0.99 -12.51 -32.37
C ALA B 305 -1.00 -11.09 -32.94
N GLU B 306 -0.51 -10.94 -34.18
CA GLU B 306 -0.48 -9.61 -34.77
C GLU B 306 -1.86 -9.10 -35.20
N GLY B 307 -2.80 -10.00 -35.41
CA GLY B 307 -4.09 -9.58 -35.97
C GLY B 307 -5.24 -10.42 -35.50
N ASN B 308 -6.22 -10.61 -36.38
CA ASN B 308 -7.48 -11.29 -36.02
C ASN B 308 -7.53 -12.79 -36.29
N ASP B 309 -6.43 -13.34 -36.80
CA ASP B 309 -6.32 -14.78 -36.95
C ASP B 309 -5.82 -15.34 -35.62
N LEU B 310 -6.73 -15.98 -34.91
CA LEU B 310 -6.46 -16.54 -33.59
C LEU B 310 -6.74 -18.05 -33.60
N GLY B 311 -6.46 -18.70 -34.74
CA GLY B 311 -6.71 -20.15 -34.87
C GLY B 311 -6.05 -20.98 -33.78
N GLN B 312 -4.84 -20.59 -33.40
CA GLN B 312 -4.05 -21.32 -32.41
C GLN B 312 -4.76 -21.44 -31.08
N ILE B 313 -5.52 -20.39 -30.74
CA ILE B 313 -6.19 -20.34 -29.43
C ILE B 313 -7.71 -20.56 -29.54
N THR B 314 -8.17 -21.02 -30.70
CA THR B 314 -9.60 -21.29 -30.90
C THR B 314 -9.93 -22.64 -30.30
N LEU B 315 -11.05 -22.72 -29.57
CA LEU B 315 -11.55 -23.99 -29.06
C LEU B 315 -12.89 -24.31 -29.69
N LEU B 316 -13.04 -25.56 -30.15
CA LEU B 316 -14.34 -26.04 -30.57
C LEU B 316 -15.21 -26.19 -29.32
N PRO B 317 -16.56 -26.21 -29.49
CA PRO B 317 -17.37 -26.61 -28.35
C PRO B 317 -16.90 -27.96 -27.84
N PHE B 318 -16.76 -28.08 -26.52
CA PHE B 318 -16.45 -29.36 -25.84
C PHE B 318 -15.01 -29.84 -25.96
N GLU B 319 -14.18 -29.05 -26.63
CA GLU B 319 -12.76 -29.32 -26.74
C GLU B 319 -12.07 -28.98 -25.41
N LYS B 320 -11.23 -29.90 -24.93
CA LYS B 320 -10.51 -29.72 -23.67
C LYS B 320 -9.23 -28.91 -23.88
N PHE B 321 -9.14 -27.77 -23.23
CA PHE B 321 -7.89 -27.00 -23.20
C PHE B 321 -7.06 -27.54 -22.05
N LYS B 322 -5.75 -27.67 -22.23
CA LYS B 322 -4.87 -28.11 -21.13
C LYS B 322 -3.52 -27.43 -21.19
N ARG B 323 -3.24 -26.63 -20.16
CA ARG B 323 -1.92 -26.01 -19.98
C ARG B 323 -1.24 -26.61 -18.75
N THR B 324 0.04 -26.94 -18.87
CA THR B 324 0.84 -27.31 -17.71
C THR B 324 2.04 -26.39 -17.61
N VAL B 325 2.41 -26.07 -16.38
CA VAL B 325 3.69 -25.41 -16.08
C VAL B 325 4.27 -26.14 -14.87
N ASP B 326 5.57 -26.38 -14.89
CA ASP B 326 6.26 -26.91 -13.73
C ASP B 326 7.37 -25.96 -13.32
N TRP B 327 7.38 -25.61 -12.03
CA TRP B 327 8.39 -24.71 -11.47
C TRP B 327 9.12 -25.53 -10.45
N LYS B 328 10.38 -25.87 -10.73
CA LYS B 328 11.15 -26.70 -9.82
C LYS B 328 12.26 -25.86 -9.20
N PHE B 329 12.30 -25.87 -7.86
CA PHE B 329 13.23 -25.04 -7.11
C PHE B 329 14.34 -25.89 -6.52
N GLU B 330 15.58 -25.55 -6.86
CA GLU B 330 16.76 -26.33 -6.44
C GLU B 330 17.81 -25.44 -5.78
N GLU B 331 18.80 -26.08 -5.17
CA GLU B 331 19.93 -25.35 -4.57
C GLU B 331 20.96 -24.92 -5.61
N GLY B 332 21.60 -23.79 -5.34
CA GLY B 332 22.54 -23.18 -6.29
C GLY B 332 23.88 -23.89 -6.40
N HIS B 333 24.79 -23.28 -7.18
CA HIS B 333 26.15 -23.79 -7.33
C HIS B 333 27.17 -22.87 -6.67
#